data_6L2P
#
_entry.id   6L2P
#
_cell.length_a   83.988
_cell.length_b   101.859
_cell.length_c   106.047
_cell.angle_alpha   90.000
_cell.angle_beta   90.000
_cell.angle_gamma   90.000
#
_symmetry.space_group_name_H-M   'P 21 21 21'
#
loop_
_entity.id
_entity.type
_entity.pdbx_description
1 polymer 'Threonine--tRNA ligase'
2 non-polymer 'ZINC ION'
3 water water
#
_entity_poly.entity_id   1
_entity_poly.type   'polypeptide(L)'
_entity_poly.pdbx_seq_one_letter_code
;MGRDHRKIGKQLDLYHMQEEAPGMVFWHNDGWTIFRELEVFVRSKLKEYQYQEVKGPFMMDRVLWEKTGHWDNYKDAMFT
TSSENREYCIKPMNCPGHVQIFNQGLKSYRDLPLRMAEFGSCHRNEPSGALHGLMRVRGFTQDDAHIFCTEEQIRDEVNA
CIRMVYDMYSTFGFEKIVVKLSTRPDKRIGSDEMWDRAEADLAVALEENNIPFEYQLGEGAFYGPKIEFTLYDCLDRAWQ
CGTVQLDFSLPSRLSASYVGEDNERKVPVMIHRAILGSMERFIGILTEEFAGFFPTWLAPVQVVVMNITDSQSEYVNELT
QKLQNAGIRVKADLRNEKIGFKIREHTLRRVPYMLVCGDKEVEAGKVAVRTRRGKDLGSLDVNDVIEKLQQEIRSRSLQQ
LEELEHHHHHH
;
_entity_poly.pdbx_strand_id   A,B
#
loop_
_chem_comp.id
_chem_comp.type
_chem_comp.name
_chem_comp.formula
ZN non-polymer 'ZINC ION' 'Zn 2'
#
# COMPACT_ATOMS: atom_id res chain seq x y z
N ARG A 3 11.33 -26.54 4.21
CA ARG A 3 10.25 -25.98 3.34
C ARG A 3 8.89 -25.71 4.05
N ASP A 4 8.94 -25.39 5.34
CA ASP A 4 7.75 -25.08 6.13
C ASP A 4 7.73 -23.55 6.29
N HIS A 5 6.76 -22.91 5.64
CA HIS A 5 6.61 -21.44 5.69
C HIS A 5 6.38 -20.89 7.11
N ARG A 6 5.77 -21.69 7.99
CA ARG A 6 5.57 -21.28 9.38
C ARG A 6 6.90 -21.26 10.13
N LYS A 7 7.69 -22.31 9.95
CA LYS A 7 9.05 -22.40 10.51
C LYS A 7 9.97 -21.31 9.94
N ILE A 8 9.99 -21.18 8.61
CA ILE A 8 10.83 -20.20 7.91
C ILE A 8 10.41 -18.77 8.24
N GLY A 9 9.11 -18.53 8.31
CA GLY A 9 8.54 -17.25 8.73
C GLY A 9 8.97 -16.80 10.12
N LYS A 10 9.08 -17.76 11.05
CA LYS A 10 9.56 -17.50 12.40
C LYS A 10 11.08 -17.25 12.44
N GLN A 11 11.84 -18.07 11.74
CA GLN A 11 13.31 -17.95 11.67
C GLN A 11 13.75 -16.62 11.06
N LEU A 12 13.18 -16.30 9.89
CA LEU A 12 13.49 -15.04 9.17
C LEU A 12 12.72 -13.81 9.67
N ASP A 13 11.82 -14.00 10.64
CA ASP A 13 11.10 -12.91 11.31
C ASP A 13 10.23 -12.13 10.30
N LEU A 14 9.44 -12.88 9.54
CA LEU A 14 8.55 -12.31 8.51
C LEU A 14 7.19 -11.94 9.09
N TYR A 15 6.64 -12.83 9.92
CA TYR A 15 5.34 -12.60 10.53
C TYR A 15 5.18 -13.44 11.80
N HIS A 16 4.06 -13.22 12.49
CA HIS A 16 3.59 -14.16 13.50
C HIS A 16 2.06 -14.14 13.59
N MET A 17 1.53 -15.17 14.25
CA MET A 17 0.10 -15.32 14.50
C MET A 17 -0.11 -15.53 15.99
N GLN A 18 -1.23 -15.04 16.51
CA GLN A 18 -1.62 -15.35 17.90
C GLN A 18 -3.13 -15.47 18.05
N GLU A 19 -3.53 -16.16 19.13
CA GLU A 19 -4.94 -16.51 19.35
C GLU A 19 -5.88 -15.35 19.71
N GLU A 20 -5.32 -14.18 20.03
CA GLU A 20 -6.11 -12.96 20.20
C GLU A 20 -6.66 -12.41 18.87
N ALA A 21 -6.04 -12.80 17.76
CA ALA A 21 -6.52 -12.43 16.42
C ALA A 21 -6.41 -13.60 15.44
N PRO A 22 -7.26 -14.64 15.61
CA PRO A 22 -7.14 -15.85 14.80
C PRO A 22 -7.23 -15.59 13.29
N GLY A 23 -6.29 -16.16 12.54
CA GLY A 23 -6.29 -16.06 11.09
C GLY A 23 -5.91 -14.70 10.52
N MET A 24 -5.36 -13.80 11.32
CA MET A 24 -4.98 -12.48 10.83
C MET A 24 -3.51 -12.20 11.13
N VAL A 25 -2.79 -11.81 10.08
CA VAL A 25 -1.34 -11.82 10.10
C VAL A 25 -0.79 -10.53 10.70
N PHE A 26 0.14 -10.67 11.64
CA PHE A 26 0.98 -9.57 12.10
C PHE A 26 2.22 -9.61 11.21
N TRP A 27 2.29 -8.74 10.22
CA TRP A 27 3.45 -8.68 9.33
C TRP A 27 4.57 -7.87 9.98
N HIS A 28 5.70 -8.53 10.24
CA HIS A 28 6.92 -7.85 10.71
C HIS A 28 7.58 -7.10 9.56
N ASN A 29 8.56 -6.27 9.90
CA ASN A 29 9.23 -5.41 8.92
C ASN A 29 9.68 -6.13 7.65
N ASP A 30 10.41 -7.23 7.83
CA ASP A 30 10.94 -7.99 6.69
C ASP A 30 9.86 -8.69 5.87
N GLY A 31 8.82 -9.20 6.53
CA GLY A 31 7.70 -9.83 5.84
C GLY A 31 6.87 -8.83 5.07
N TRP A 32 6.62 -7.67 5.69
CA TRP A 32 5.91 -6.57 5.04
C TRP A 32 6.68 -5.99 3.85
N THR A 33 8.01 -6.02 3.91
CA THR A 33 8.84 -5.65 2.76
C THR A 33 8.57 -6.58 1.57
N ILE A 34 8.47 -7.89 1.84
CA ILE A 34 8.17 -8.88 0.79
C ILE A 34 6.79 -8.62 0.20
N PHE A 35 5.80 -8.38 1.08
CA PHE A 35 4.42 -8.08 0.69
C PHE A 35 4.35 -6.86 -0.22
N ARG A 36 5.01 -5.77 0.19
CA ARG A 36 5.00 -4.51 -0.55
C ARG A 36 5.68 -4.63 -1.93
N GLU A 37 6.79 -5.35 -2.00
CA GLU A 37 7.45 -5.60 -3.29
C GLU A 37 6.58 -6.44 -4.22
N LEU A 38 5.83 -7.38 -3.64
CA LEU A 38 4.84 -8.14 -4.41
C LEU A 38 3.75 -7.22 -4.97
N GLU A 39 3.29 -6.26 -4.16
CA GLU A 39 2.33 -5.24 -4.62
C GLU A 39 2.90 -4.39 -5.77
N VAL A 40 4.14 -3.91 -5.61
CA VAL A 40 4.83 -3.13 -6.65
C VAL A 40 4.85 -3.91 -7.98
N PHE A 41 5.20 -5.19 -7.92
CA PHE A 41 5.20 -6.07 -9.10
C PHE A 41 3.82 -6.17 -9.77
N VAL A 42 2.78 -6.41 -8.97
CA VAL A 42 1.41 -6.48 -9.49
C VAL A 42 1.01 -5.12 -10.11
N ARG A 43 1.34 -4.02 -9.42
CA ARG A 43 1.10 -2.67 -9.95
C ARG A 43 1.75 -2.42 -11.31
N SER A 44 2.97 -2.91 -11.51
CA SER A 44 3.63 -2.80 -12.82
C SER A 44 2.85 -3.58 -13.90
N LYS A 45 2.30 -4.72 -13.53
CA LYS A 45 1.41 -5.49 -14.42
C LYS A 45 0.10 -4.77 -14.72
N LEU A 46 -0.48 -4.13 -13.70
CA LEU A 46 -1.69 -3.31 -13.86
C LEU A 46 -1.49 -2.15 -14.83
N LYS A 47 -0.33 -1.52 -14.78
CA LYS A 47 0.02 -0.45 -15.75
C LYS A 47 0.17 -0.97 -17.18
N GLU A 48 0.90 -2.07 -17.33
CA GLU A 48 1.13 -2.71 -18.64
C GLU A 48 -0.18 -3.19 -19.29
N TYR A 49 -1.10 -3.72 -18.48
CA TYR A 49 -2.39 -4.24 -18.98
C TYR A 49 -3.58 -3.26 -18.82
N GLN A 50 -3.28 -1.98 -18.65
CA GLN A 50 -4.28 -0.88 -18.66
C GLN A 50 -5.39 -1.01 -17.60
N TYR A 51 -4.98 -1.20 -16.36
CA TYR A 51 -5.89 -1.29 -15.20
C TYR A 51 -5.86 -0.02 -14.36
N GLN A 52 -7.04 0.42 -13.93
CA GLN A 52 -7.15 1.38 -12.83
C GLN A 52 -6.87 0.63 -11.52
N GLU A 53 -6.46 1.38 -10.50
CA GLU A 53 -6.38 0.90 -9.13
C GLU A 53 -7.19 1.80 -8.21
N VAL A 54 -8.09 1.20 -7.44
CA VAL A 54 -9.00 1.91 -6.55
C VAL A 54 -8.87 1.35 -5.14
N LYS A 55 -9.59 1.96 -4.20
CA LYS A 55 -9.68 1.45 -2.83
C LYS A 55 -11.10 1.68 -2.32
N GLY A 56 -11.72 0.63 -1.81
CA GLY A 56 -13.08 0.68 -1.29
C GLY A 56 -13.04 0.60 0.23
N PRO A 57 -14.15 0.93 0.89
CA PRO A 57 -14.21 0.89 2.33
C PRO A 57 -14.31 -0.54 2.86
N PHE A 58 -14.01 -0.70 4.15
CA PHE A 58 -14.00 -2.01 4.80
C PHE A 58 -15.39 -2.60 5.07
N MET A 59 -16.39 -1.74 5.26
CA MET A 59 -17.74 -2.22 5.52
C MET A 59 -18.81 -1.43 4.77
N MET A 60 -19.98 -2.07 4.67
CA MET A 60 -21.09 -1.58 3.87
C MET A 60 -22.40 -2.11 4.45
N ASP A 61 -23.48 -1.35 4.27
CA ASP A 61 -24.81 -1.71 4.79
C ASP A 61 -25.21 -3.11 4.30
N ARG A 62 -25.74 -3.91 5.22
CA ARG A 62 -26.35 -5.20 4.91
C ARG A 62 -27.41 -5.10 3.80
N VAL A 63 -28.18 -4.00 3.83
CA VAL A 63 -29.20 -3.71 2.81
C VAL A 63 -28.63 -3.76 1.38
N LEU A 64 -27.41 -3.26 1.20
CA LEU A 64 -26.74 -3.31 -0.11
C LEU A 64 -26.29 -4.72 -0.44
N TRP A 65 -25.68 -5.42 0.53
CA TRP A 65 -25.31 -6.83 0.38
C TRP A 65 -26.49 -7.75 0.05
N GLU A 66 -27.68 -7.43 0.56
CA GLU A 66 -28.91 -8.17 0.22
C GLU A 66 -29.28 -8.07 -1.28
N LYS A 67 -28.92 -6.96 -1.92
CA LYS A 67 -29.20 -6.74 -3.34
C LYS A 67 -28.21 -7.38 -4.31
N THR A 68 -27.07 -7.88 -3.80
CA THR A 68 -26.00 -8.41 -4.66
C THR A 68 -26.31 -9.76 -5.29
N GLY A 69 -27.15 -10.56 -4.62
CA GLY A 69 -27.41 -11.95 -4.99
C GLY A 69 -26.54 -12.95 -4.23
N HIS A 70 -25.63 -12.44 -3.40
CA HIS A 70 -24.69 -13.26 -2.62
C HIS A 70 -25.09 -13.44 -1.16
N TRP A 71 -26.16 -12.77 -0.71
CA TRP A 71 -26.48 -12.71 0.72
C TRP A 71 -26.68 -14.09 1.37
N ASP A 72 -27.58 -14.88 0.79
CA ASP A 72 -27.91 -16.21 1.35
C ASP A 72 -26.70 -17.15 1.39
N ASN A 73 -25.87 -17.09 0.34
CA ASN A 73 -24.65 -17.90 0.25
C ASN A 73 -23.51 -17.47 1.19
N TYR A 74 -23.43 -16.15 1.46
CA TYR A 74 -22.33 -15.57 2.26
C TYR A 74 -22.68 -15.15 3.70
N LYS A 75 -23.97 -15.00 4.03
CA LYS A 75 -24.41 -14.51 5.35
C LYS A 75 -23.72 -15.14 6.57
N ASP A 76 -23.51 -16.46 6.52
CA ASP A 76 -22.86 -17.20 7.61
C ASP A 76 -21.33 -16.98 7.65
N ALA A 77 -20.75 -16.59 6.53
CA ALA A 77 -19.31 -16.33 6.40
C ALA A 77 -18.86 -14.88 6.64
N MET A 78 -19.80 -13.94 6.76
CA MET A 78 -19.47 -12.52 6.95
C MET A 78 -19.38 -12.14 8.42
N PHE A 79 -18.45 -11.25 8.74
CA PHE A 79 -18.45 -10.53 10.01
C PHE A 79 -19.43 -9.39 9.87
N THR A 80 -20.32 -9.22 10.86
CA THR A 80 -21.22 -8.08 10.92
C THR A 80 -20.96 -7.24 12.16
N THR A 81 -21.36 -5.97 12.08
CA THR A 81 -21.19 -5.02 13.17
C THR A 81 -22.27 -3.94 13.05
N SER A 82 -22.70 -3.43 14.21
CA SER A 82 -23.85 -2.53 14.27
C SER A 82 -23.50 -1.10 14.70
N SER A 83 -24.28 -0.15 14.20
CA SER A 83 -24.17 1.25 14.57
C SER A 83 -25.47 1.99 14.23
N GLU A 84 -26.04 2.66 15.22
CA GLU A 84 -27.25 3.49 15.06
C GLU A 84 -28.38 2.74 14.35
N ASN A 85 -28.65 1.53 14.85
CA ASN A 85 -29.75 0.66 14.36
C ASN A 85 -29.60 0.12 12.94
N ARG A 86 -28.38 0.17 12.40
CA ARG A 86 -28.05 -0.31 11.06
C ARG A 86 -26.98 -1.38 11.19
N GLU A 87 -27.09 -2.43 10.39
CA GLU A 87 -26.12 -3.53 10.37
C GLU A 87 -25.15 -3.38 9.20
N TYR A 88 -23.85 -3.53 9.48
CA TYR A 88 -22.81 -3.43 8.46
C TYR A 88 -22.06 -4.74 8.34
N CYS A 89 -21.80 -5.16 7.11
CA CYS A 89 -20.98 -6.32 6.83
C CYS A 89 -19.55 -5.88 6.51
N ILE A 90 -18.57 -6.58 7.10
CA ILE A 90 -17.17 -6.43 6.73
C ILE A 90 -17.03 -7.17 5.41
N LYS A 91 -16.46 -6.53 4.39
CA LYS A 91 -16.47 -7.09 3.04
C LYS A 91 -15.67 -8.41 2.92
N PRO A 92 -16.29 -9.48 2.37
CA PRO A 92 -15.58 -10.71 2.00
C PRO A 92 -15.11 -10.73 0.54
N MET A 93 -15.50 -9.72 -0.22
CA MET A 93 -15.13 -9.58 -1.63
C MET A 93 -15.20 -8.11 -2.01
N ASN A 94 -14.47 -7.76 -3.06
CA ASN A 94 -14.39 -6.36 -3.54
C ASN A 94 -15.38 -5.98 -4.63
N CYS A 95 -16.13 -6.96 -5.14
CA CYS A 95 -16.94 -6.79 -6.37
C CYS A 95 -18.02 -5.71 -6.25
N PRO A 96 -18.88 -5.79 -5.22
CA PRO A 96 -19.91 -4.76 -5.06
C PRO A 96 -19.38 -3.33 -4.93
N GLY A 97 -18.29 -3.16 -4.18
CA GLY A 97 -17.61 -1.87 -4.04
C GLY A 97 -17.15 -1.28 -5.37
N HIS A 98 -16.67 -2.13 -6.27
CA HIS A 98 -16.21 -1.71 -7.60
C HIS A 98 -17.34 -1.29 -8.51
N VAL A 99 -18.51 -1.91 -8.35
CA VAL A 99 -19.71 -1.50 -9.08
C VAL A 99 -20.17 -0.13 -8.58
N GLN A 100 -20.09 0.09 -7.26
CA GLN A 100 -20.36 1.43 -6.68
C GLN A 100 -19.50 2.52 -7.31
N ILE A 101 -18.21 2.25 -7.51
CA ILE A 101 -17.30 3.21 -8.18
C ILE A 101 -17.68 3.40 -9.64
N PHE A 102 -17.95 2.30 -10.34
CA PHE A 102 -18.46 2.32 -11.72
C PHE A 102 -19.73 3.16 -11.85
N ASN A 103 -20.62 3.06 -10.86
CA ASN A 103 -21.90 3.79 -10.86
C ASN A 103 -21.83 5.31 -10.74
N GLN A 104 -20.72 5.85 -10.25
CA GLN A 104 -20.55 7.31 -10.18
C GLN A 104 -20.16 7.85 -11.55
N GLY A 105 -20.86 8.90 -11.98
CA GLY A 105 -20.64 9.49 -13.31
C GLY A 105 -21.26 8.65 -14.42
N LEU A 106 -21.73 9.31 -15.48
CA LEU A 106 -22.30 8.62 -16.63
C LEU A 106 -21.19 7.89 -17.39
N LYS A 107 -21.43 6.62 -17.70
CA LYS A 107 -20.48 5.79 -18.45
C LYS A 107 -20.99 5.58 -19.87
N SER A 108 -20.05 5.55 -20.81
CA SER A 108 -20.33 5.41 -22.24
C SER A 108 -19.68 4.12 -22.75
N TYR A 109 -20.04 3.74 -23.97
CA TYR A 109 -19.36 2.64 -24.67
C TYR A 109 -17.86 2.97 -24.88
N ARG A 110 -17.56 4.26 -25.07
CA ARG A 110 -16.20 4.78 -25.12
C ARG A 110 -15.31 4.35 -23.94
N ASP A 111 -15.88 4.33 -22.73
CA ASP A 111 -15.14 4.00 -21.51
C ASP A 111 -14.86 2.49 -21.32
N LEU A 112 -15.47 1.65 -22.16
CA LEU A 112 -15.35 0.19 -22.06
C LEU A 112 -14.36 -0.35 -23.09
N PRO A 113 -13.54 -1.34 -22.74
CA PRO A 113 -13.54 -2.02 -21.42
C PRO A 113 -12.94 -1.16 -20.30
N LEU A 114 -13.60 -1.14 -19.15
CA LEU A 114 -13.12 -0.44 -17.95
C LEU A 114 -12.56 -1.49 -17.02
N ARG A 115 -11.26 -1.39 -16.72
CA ARG A 115 -10.55 -2.41 -15.94
C ARG A 115 -10.14 -1.81 -14.59
N MET A 116 -10.61 -2.45 -13.52
CA MET A 116 -10.52 -1.87 -12.17
C MET A 116 -9.95 -2.90 -11.19
N ALA A 117 -8.75 -2.63 -10.69
CA ALA A 117 -8.07 -3.50 -9.71
C ALA A 117 -8.04 -2.89 -8.31
N GLU A 118 -7.70 -3.74 -7.33
CA GLU A 118 -7.63 -3.33 -5.92
C GLU A 118 -6.92 -4.40 -5.09
N PHE A 119 -6.06 -3.97 -4.18
CA PHE A 119 -5.55 -4.81 -3.11
C PHE A 119 -6.50 -4.69 -1.92
N GLY A 120 -7.66 -5.34 -2.07
CA GLY A 120 -8.78 -5.16 -1.15
C GLY A 120 -8.74 -6.13 0.00
N SER A 121 -8.51 -5.62 1.20
CA SER A 121 -8.47 -6.48 2.37
C SER A 121 -9.88 -6.95 2.71
N CYS A 122 -10.09 -8.24 2.55
CA CYS A 122 -11.38 -8.86 2.75
C CYS A 122 -11.33 -9.78 3.95
N HIS A 123 -12.48 -10.01 4.56
CA HIS A 123 -12.58 -10.85 5.74
C HIS A 123 -13.65 -11.92 5.57
N ARG A 124 -13.30 -13.13 5.99
CA ARG A 124 -14.21 -14.27 5.96
C ARG A 124 -14.17 -14.94 7.33
N ASN A 125 -15.33 -15.08 7.95
CA ASN A 125 -15.46 -15.76 9.23
C ASN A 125 -15.55 -17.27 9.04
N GLU A 126 -14.38 -17.90 8.87
CA GLU A 126 -14.27 -19.37 8.86
C GLU A 126 -14.07 -19.86 10.30
N PRO A 127 -14.32 -21.17 10.54
CA PRO A 127 -14.02 -21.72 11.87
C PRO A 127 -12.53 -21.72 12.20
N SER A 128 -12.22 -21.63 13.49
CA SER A 128 -10.85 -21.44 13.98
C SER A 128 -9.97 -22.66 13.73
N GLY A 129 -10.55 -23.86 13.83
CA GLY A 129 -9.86 -25.12 13.54
C GLY A 129 -9.39 -25.30 12.10
N ALA A 130 -10.03 -24.59 11.16
CA ALA A 130 -9.63 -24.59 9.74
C ALA A 130 -8.43 -23.68 9.40
N LEU A 131 -7.97 -22.88 10.37
CA LEU A 131 -6.85 -21.96 10.16
C LEU A 131 -5.50 -22.66 10.15
N HIS A 132 -4.56 -22.13 9.37
CA HIS A 132 -3.24 -22.75 9.17
C HIS A 132 -2.29 -21.76 8.50
N GLY A 133 -1.48 -21.10 9.33
CA GLY A 133 -0.45 -20.15 8.87
C GLY A 133 -0.98 -19.08 7.93
N LEU A 134 -0.36 -18.97 6.76
CA LEU A 134 -0.75 -18.02 5.72
C LEU A 134 -1.69 -18.61 4.66
N MET A 135 -1.86 -19.93 4.66
CA MET A 135 -2.64 -20.61 3.61
C MET A 135 -4.15 -20.43 3.80
N ARG A 136 -4.62 -20.66 5.03
CA ARG A 136 -6.04 -20.50 5.38
C ARG A 136 -6.16 -19.43 6.48
N VAL A 137 -6.54 -18.23 6.05
CA VAL A 137 -6.61 -17.04 6.91
C VAL A 137 -8.01 -16.40 6.89
N ARG A 138 -8.25 -15.54 7.87
CA ARG A 138 -9.51 -14.82 8.01
C ARG A 138 -9.44 -13.48 7.29
N GLY A 139 -8.40 -12.71 7.60
CA GLY A 139 -8.11 -11.45 6.91
C GLY A 139 -7.16 -11.71 5.76
N PHE A 140 -7.61 -11.46 4.54
CA PHE A 140 -6.81 -11.72 3.34
C PHE A 140 -6.91 -10.59 2.31
N THR A 141 -5.89 -10.49 1.47
CA THR A 141 -5.80 -9.50 0.41
C THR A 141 -5.65 -10.24 -0.91
N GLN A 142 -6.66 -10.20 -1.77
CA GLN A 142 -6.55 -10.77 -3.11
C GLN A 142 -6.07 -9.70 -4.08
N ASP A 143 -5.35 -10.13 -5.12
CA ASP A 143 -4.99 -9.26 -6.24
C ASP A 143 -6.17 -9.23 -7.23
N ASP A 144 -7.32 -8.82 -6.71
CA ASP A 144 -8.58 -8.92 -7.44
C ASP A 144 -8.68 -7.77 -8.41
N ALA A 145 -9.49 -7.96 -9.44
CA ALA A 145 -9.83 -6.92 -10.37
C ALA A 145 -11.12 -7.25 -11.12
N HIS A 146 -11.69 -6.23 -11.74
CA HIS A 146 -12.94 -6.35 -12.46
C HIS A 146 -12.91 -5.62 -13.78
N ILE A 147 -13.31 -6.33 -14.84
CA ILE A 147 -13.40 -5.74 -16.16
C ILE A 147 -14.87 -5.61 -16.52
N PHE A 148 -15.29 -4.38 -16.81
CA PHE A 148 -16.62 -4.07 -17.28
C PHE A 148 -16.51 -3.91 -18.77
N CYS A 149 -17.27 -4.70 -19.52
CA CYS A 149 -17.15 -4.70 -20.99
C CYS A 149 -18.45 -5.10 -21.67
N THR A 150 -18.46 -4.95 -22.99
CA THR A 150 -19.57 -5.42 -23.82
C THR A 150 -19.45 -6.92 -24.04
N GLU A 151 -20.52 -7.53 -24.56
CA GLU A 151 -20.54 -8.96 -24.88
C GLU A 151 -19.52 -9.32 -25.97
N GLU A 152 -19.35 -8.40 -26.92
CA GLU A 152 -18.44 -8.59 -28.06
C GLU A 152 -16.97 -8.49 -27.64
N GLN A 153 -16.71 -7.76 -26.55
CA GLN A 153 -15.36 -7.54 -26.02
C GLN A 153 -14.84 -8.65 -25.08
N ILE A 154 -15.72 -9.55 -24.62
CA ILE A 154 -15.35 -10.56 -23.62
C ILE A 154 -14.13 -11.37 -24.06
N ARG A 155 -14.18 -11.86 -25.30
CA ARG A 155 -13.13 -12.75 -25.84
C ARG A 155 -11.73 -12.14 -25.78
N ASP A 156 -11.60 -10.90 -26.26
CA ASP A 156 -10.31 -10.19 -26.22
C ASP A 156 -9.83 -9.96 -24.77
N GLU A 157 -10.77 -9.65 -23.88
CA GLU A 157 -10.43 -9.40 -22.46
C GLU A 157 -10.06 -10.64 -21.67
N VAL A 158 -10.66 -11.78 -22.01
CA VAL A 158 -10.23 -13.07 -21.45
C VAL A 158 -8.84 -13.46 -21.99
N ASN A 159 -8.60 -13.23 -23.28
CA ASN A 159 -7.26 -13.36 -23.89
C ASN A 159 -6.17 -12.63 -23.10
N ALA A 160 -6.44 -11.36 -22.76
CA ALA A 160 -5.52 -10.53 -22.00
C ALA A 160 -5.31 -11.07 -20.57
N CYS A 161 -6.39 -11.48 -19.92
CA CYS A 161 -6.33 -12.12 -18.60
C CYS A 161 -5.45 -13.37 -18.62
N ILE A 162 -5.69 -14.23 -19.60
CA ILE A 162 -4.88 -15.45 -19.81
C ILE A 162 -3.39 -15.09 -19.94
N ARG A 163 -3.09 -14.13 -20.81
CA ARG A 163 -1.72 -13.64 -21.00
C ARG A 163 -1.13 -13.16 -19.66
N MET A 164 -1.89 -12.35 -18.94
CA MET A 164 -1.45 -11.80 -17.64
C MET A 164 -1.17 -12.90 -16.60
N VAL A 165 -1.94 -13.98 -16.64
CA VAL A 165 -1.79 -15.11 -15.70
C VAL A 165 -0.44 -15.81 -15.89
N TYR A 166 -0.16 -16.26 -17.11
CA TYR A 166 1.09 -16.96 -17.43
C TYR A 166 2.31 -16.06 -17.35
N ASP A 167 2.12 -14.78 -17.64
CA ASP A 167 3.13 -13.74 -17.46
C ASP A 167 3.56 -13.68 -15.99
N MET A 168 2.58 -13.54 -15.10
CA MET A 168 2.85 -13.42 -13.66
C MET A 168 3.40 -14.71 -13.04
N TYR A 169 2.84 -15.86 -13.39
CA TYR A 169 3.32 -17.15 -12.84
C TYR A 169 4.76 -17.48 -13.26
N SER A 170 5.12 -17.19 -14.51
CA SER A 170 6.48 -17.48 -14.99
C SER A 170 7.56 -16.57 -14.39
N THR A 171 7.17 -15.42 -13.85
CA THR A 171 8.09 -14.55 -13.08
C THR A 171 8.63 -15.25 -11.83
N PHE A 172 7.79 -16.06 -11.18
CA PHE A 172 8.18 -16.82 -9.97
C PHE A 172 8.71 -18.24 -10.26
N GLY A 173 8.81 -18.60 -11.53
CA GLY A 173 9.27 -19.94 -11.94
C GLY A 173 8.21 -21.04 -11.96
N PHE A 174 6.94 -20.66 -12.04
CA PHE A 174 5.84 -21.62 -12.15
C PHE A 174 5.44 -21.80 -13.61
N GLU A 175 5.85 -22.94 -14.19
CA GLU A 175 5.62 -23.27 -15.61
C GLU A 175 4.57 -24.36 -15.86
N LYS A 176 4.45 -25.31 -14.93
CA LYS A 176 3.42 -26.35 -14.99
C LYS A 176 2.08 -25.80 -14.45
N ILE A 177 1.17 -25.50 -15.37
CA ILE A 177 -0.14 -24.92 -15.06
C ILE A 177 -1.26 -25.81 -15.60
N VAL A 178 -2.19 -26.20 -14.73
CA VAL A 178 -3.36 -27.01 -15.09
C VAL A 178 -4.61 -26.13 -15.08
N VAL A 179 -5.46 -26.31 -16.09
CA VAL A 179 -6.60 -25.41 -16.36
C VAL A 179 -7.93 -26.17 -16.41
N LYS A 180 -8.95 -25.63 -15.73
CA LYS A 180 -10.30 -26.18 -15.71
C LYS A 180 -11.30 -25.11 -16.13
N LEU A 181 -12.19 -25.44 -17.07
CA LEU A 181 -13.28 -24.57 -17.48
C LEU A 181 -14.59 -25.14 -16.94
N SER A 182 -15.17 -24.47 -15.94
CA SER A 182 -16.39 -24.92 -15.29
C SER A 182 -17.62 -24.40 -16.03
N THR A 183 -18.54 -25.32 -16.37
CA THR A 183 -19.74 -25.04 -17.18
C THR A 183 -21.00 -24.87 -16.33
N ARG A 184 -22.09 -24.49 -17.00
CA ARG A 184 -23.40 -24.18 -16.38
C ARG A 184 -23.84 -25.12 -15.26
N PRO A 185 -24.10 -24.58 -14.06
CA PRO A 185 -24.69 -25.40 -13.00
C PRO A 185 -26.18 -25.61 -13.25
N ASP A 186 -26.82 -26.40 -12.39
CA ASP A 186 -28.26 -26.69 -12.54
C ASP A 186 -29.09 -25.46 -12.13
N LYS A 187 -28.77 -24.91 -10.96
CA LYS A 187 -29.33 -23.65 -10.50
C LYS A 187 -28.50 -22.48 -11.06
N ARG A 188 -29.07 -21.73 -12.00
CA ARG A 188 -28.38 -20.64 -12.67
C ARG A 188 -29.33 -19.56 -13.20
N ILE A 189 -28.76 -18.47 -13.71
CA ILE A 189 -29.53 -17.36 -14.32
C ILE A 189 -29.10 -17.18 -15.77
N GLY A 190 -30.00 -16.66 -16.60
CA GLY A 190 -29.68 -16.35 -17.99
C GLY A 190 -30.10 -17.46 -18.94
N SER A 191 -30.23 -17.11 -20.22
CA SER A 191 -30.67 -18.06 -21.24
C SER A 191 -29.59 -19.10 -21.57
N ASP A 192 -30.03 -20.21 -22.14
CA ASP A 192 -29.12 -21.27 -22.61
C ASP A 192 -28.12 -20.77 -23.65
N GLU A 193 -28.57 -19.90 -24.56
CA GLU A 193 -27.67 -19.33 -25.59
C GLU A 193 -26.69 -18.27 -25.03
N MET A 194 -27.05 -17.61 -23.93
CA MET A 194 -26.10 -16.75 -23.21
C MET A 194 -24.96 -17.60 -22.64
N TRP A 195 -25.31 -18.74 -22.05
CA TRP A 195 -24.33 -19.69 -21.53
C TRP A 195 -23.51 -20.37 -22.63
N ASP A 196 -24.14 -20.68 -23.77
CA ASP A 196 -23.42 -21.20 -24.94
C ASP A 196 -22.33 -20.22 -25.36
N ARG A 197 -22.70 -18.95 -25.54
CA ARG A 197 -21.74 -17.89 -25.94
C ARG A 197 -20.61 -17.71 -24.92
N ALA A 198 -20.98 -17.57 -23.65
CA ALA A 198 -20.03 -17.36 -22.56
C ALA A 198 -19.04 -18.52 -22.38
N GLU A 199 -19.53 -19.75 -22.41
CA GLU A 199 -18.68 -20.94 -22.37
C GLU A 199 -17.77 -21.05 -23.60
N ALA A 200 -18.32 -20.69 -24.76
CA ALA A 200 -17.55 -20.67 -26.01
C ALA A 200 -16.43 -19.62 -26.01
N ASP A 201 -16.68 -18.44 -25.44
CA ASP A 201 -15.68 -17.39 -25.30
C ASP A 201 -14.49 -17.81 -24.44
N LEU A 202 -14.76 -18.47 -23.32
CA LEU A 202 -13.71 -19.01 -22.45
C LEU A 202 -12.92 -20.13 -23.12
N ALA A 203 -13.64 -21.00 -23.85
CA ALA A 203 -13.04 -22.12 -24.57
C ALA A 203 -12.13 -21.65 -25.70
N VAL A 204 -12.68 -20.79 -26.57
CA VAL A 204 -11.94 -20.27 -27.73
C VAL A 204 -10.71 -19.48 -27.30
N ALA A 205 -10.83 -18.68 -26.24
CA ALA A 205 -9.70 -17.92 -25.68
C ALA A 205 -8.54 -18.82 -25.24
N LEU A 206 -8.85 -19.92 -24.56
CA LEU A 206 -7.85 -20.92 -24.17
C LEU A 206 -7.27 -21.66 -25.38
N GLU A 207 -8.12 -22.02 -26.34
CA GLU A 207 -7.70 -22.70 -27.57
C GLU A 207 -6.88 -21.80 -28.50
N GLU A 208 -7.21 -20.52 -28.52
CA GLU A 208 -6.47 -19.52 -29.29
C GLU A 208 -5.04 -19.35 -28.78
N ASN A 209 -4.81 -19.67 -27.51
CA ASN A 209 -3.51 -19.56 -26.86
C ASN A 209 -2.80 -20.88 -26.66
N ASN A 210 -3.31 -21.93 -27.28
CA ASN A 210 -2.75 -23.28 -27.18
C ASN A 210 -2.58 -23.75 -25.73
N ILE A 211 -3.61 -23.49 -24.93
CA ILE A 211 -3.63 -23.90 -23.53
C ILE A 211 -4.57 -25.09 -23.40
N PRO A 212 -4.05 -26.24 -22.91
CA PRO A 212 -4.91 -27.39 -22.69
C PRO A 212 -5.78 -27.21 -21.45
N PHE A 213 -7.01 -27.71 -21.52
CA PHE A 213 -7.96 -27.61 -20.41
C PHE A 213 -8.95 -28.76 -20.44
N GLU A 214 -9.53 -29.05 -19.28
CA GLU A 214 -10.63 -29.99 -19.14
C GLU A 214 -11.90 -29.23 -18.72
N TYR A 215 -13.04 -29.64 -19.27
CA TYR A 215 -14.32 -29.15 -18.80
C TYR A 215 -14.63 -29.74 -17.43
N GLN A 216 -15.21 -28.92 -16.55
CA GLN A 216 -15.80 -29.38 -15.29
C GLN A 216 -17.30 -29.17 -15.40
N LEU A 217 -18.04 -30.26 -15.59
CA LEU A 217 -19.48 -30.19 -15.82
C LEU A 217 -20.25 -29.83 -14.55
N GLY A 218 -21.09 -28.80 -14.66
CA GLY A 218 -21.98 -28.40 -13.56
C GLY A 218 -21.35 -27.70 -12.37
N GLU A 219 -20.11 -27.24 -12.53
CA GLU A 219 -19.34 -26.65 -11.42
C GLU A 219 -19.15 -25.12 -11.50
N GLY A 220 -19.74 -24.48 -12.51
CA GLY A 220 -19.73 -23.02 -12.62
C GLY A 220 -20.61 -22.37 -11.57
N ALA A 221 -20.38 -21.08 -11.33
CA ALA A 221 -21.22 -20.30 -10.41
C ALA A 221 -22.60 -20.06 -11.04
N PHE A 222 -23.58 -19.67 -10.22
CA PHE A 222 -24.94 -19.42 -10.74
C PHE A 222 -25.01 -18.28 -11.77
N TYR A 223 -24.03 -17.37 -11.70
CA TYR A 223 -24.00 -16.12 -12.49
C TYR A 223 -23.08 -16.18 -13.73
N GLY A 224 -22.40 -17.30 -13.93
CA GLY A 224 -21.58 -17.50 -15.14
C GLY A 224 -20.51 -18.58 -15.01
N PRO A 225 -19.90 -18.97 -16.15
CA PRO A 225 -18.82 -19.94 -16.18
C PRO A 225 -17.48 -19.31 -15.83
N LYS A 226 -16.52 -20.15 -15.43
CA LYS A 226 -15.20 -19.68 -15.01
C LYS A 226 -14.06 -20.56 -15.52
N ILE A 227 -12.89 -19.94 -15.67
CA ILE A 227 -11.63 -20.65 -15.83
C ILE A 227 -10.88 -20.55 -14.50
N GLU A 228 -10.31 -21.67 -14.07
CA GLU A 228 -9.45 -21.71 -12.89
C GLU A 228 -8.08 -22.24 -13.29
N PHE A 229 -7.03 -21.65 -12.71
CA PHE A 229 -5.63 -21.98 -13.02
C PHE A 229 -4.95 -22.53 -11.79
N THR A 230 -4.40 -23.73 -11.91
CA THR A 230 -3.71 -24.41 -10.81
C THR A 230 -2.23 -24.53 -11.18
N LEU A 231 -1.37 -23.93 -10.35
CA LEU A 231 0.08 -24.02 -10.55
C LEU A 231 0.70 -25.14 -9.71
N TYR A 232 1.85 -25.65 -10.17
CA TYR A 232 2.59 -26.68 -9.45
C TYR A 232 3.95 -26.14 -9.03
N ASP A 233 4.30 -26.36 -7.77
CA ASP A 233 5.60 -25.91 -7.23
C ASP A 233 6.73 -26.92 -7.56
N CYS A 234 7.93 -26.68 -7.07
CA CYS A 234 9.09 -27.57 -7.34
C CYS A 234 8.99 -28.95 -6.69
N LEU A 235 8.15 -29.10 -5.66
CA LEU A 235 7.78 -30.42 -5.09
C LEU A 235 6.65 -31.14 -5.86
N ASP A 236 6.16 -30.53 -6.94
CA ASP A 236 5.04 -31.05 -7.74
C ASP A 236 3.70 -31.08 -6.98
N ARG A 237 3.53 -30.17 -6.01
CA ARG A 237 2.26 -30.02 -5.28
C ARG A 237 1.39 -28.99 -5.98
N ALA A 238 0.09 -29.24 -6.02
CA ALA A 238 -0.88 -28.40 -6.74
C ALA A 238 -1.40 -27.24 -5.87
N TRP A 239 -1.45 -26.05 -6.45
CA TRP A 239 -1.96 -24.84 -5.78
C TRP A 239 -2.90 -24.10 -6.70
N GLN A 240 -4.21 -24.16 -6.42
CA GLN A 240 -5.19 -23.37 -7.19
C GLN A 240 -5.04 -21.91 -6.76
N CYS A 241 -4.84 -21.04 -7.75
CA CYS A 241 -4.56 -19.62 -7.53
C CYS A 241 -5.40 -18.71 -8.40
N GLY A 242 -5.33 -18.92 -9.71
CA GLY A 242 -5.97 -18.05 -10.69
C GLY A 242 -7.44 -18.34 -10.91
N THR A 243 -8.20 -17.29 -11.21
CA THR A 243 -9.62 -17.40 -11.60
C THR A 243 -9.95 -16.31 -12.62
N VAL A 244 -10.61 -16.70 -13.71
CA VAL A 244 -11.29 -15.76 -14.59
C VAL A 244 -12.74 -16.22 -14.55
N GLN A 245 -13.62 -15.34 -14.08
CA GLN A 245 -15.01 -15.66 -13.80
C GLN A 245 -15.93 -14.63 -14.48
N LEU A 246 -16.72 -15.08 -15.46
CA LEU A 246 -17.71 -14.22 -16.12
C LEU A 246 -18.95 -14.07 -15.23
N ASP A 247 -19.57 -12.89 -15.30
CA ASP A 247 -20.69 -12.54 -14.41
C ASP A 247 -21.76 -11.75 -15.18
N PHE A 248 -22.93 -12.36 -15.32
CA PHE A 248 -24.10 -11.74 -15.96
C PHE A 248 -25.20 -11.42 -14.96
N SER A 249 -24.85 -11.28 -13.68
CA SER A 249 -25.82 -11.09 -12.59
C SER A 249 -25.61 -9.80 -11.81
N LEU A 250 -24.41 -9.63 -11.27
CA LEU A 250 -24.11 -8.53 -10.35
C LEU A 250 -24.32 -7.12 -10.93
N PRO A 251 -23.89 -6.87 -12.19
CA PRO A 251 -24.10 -5.54 -12.78
C PRO A 251 -25.57 -5.08 -12.79
N SER A 252 -26.45 -5.95 -13.29
CA SER A 252 -27.90 -5.68 -13.29
C SER A 252 -28.47 -5.57 -11.87
N ARG A 253 -28.03 -6.47 -10.99
CA ARG A 253 -28.43 -6.46 -9.59
C ARG A 253 -28.11 -5.15 -8.84
N LEU A 254 -26.99 -4.50 -9.20
CA LEU A 254 -26.57 -3.23 -8.59
C LEU A 254 -26.72 -2.00 -9.50
N SER A 255 -27.59 -2.11 -10.50
CA SER A 255 -27.99 -0.99 -11.36
C SER A 255 -26.84 -0.35 -12.15
N ALA A 256 -25.92 -1.19 -12.60
CA ALA A 256 -24.83 -0.78 -13.48
C ALA A 256 -25.32 -0.65 -14.91
N SER A 257 -24.93 0.44 -15.58
CA SER A 257 -25.32 0.67 -16.97
C SER A 257 -24.36 1.59 -17.69
N TYR A 258 -24.48 1.61 -19.02
CA TYR A 258 -23.76 2.52 -19.88
C TYR A 258 -24.56 2.83 -21.15
N VAL A 259 -24.22 3.93 -21.80
CA VAL A 259 -24.86 4.38 -23.03
C VAL A 259 -24.10 3.79 -24.23
N GLY A 260 -24.80 3.04 -25.07
CA GLY A 260 -24.20 2.41 -26.26
C GLY A 260 -24.05 3.37 -27.43
N GLU A 261 -23.47 2.87 -28.53
CA GLU A 261 -23.35 3.63 -29.79
C GLU A 261 -24.70 4.11 -30.32
N ASP A 262 -25.70 3.22 -30.25
CA ASP A 262 -27.09 3.52 -30.64
C ASP A 262 -27.88 4.42 -29.65
N ASN A 263 -27.18 4.97 -28.65
CA ASN A 263 -27.76 5.87 -27.64
C ASN A 263 -28.83 5.19 -26.75
N GLU A 264 -28.65 3.89 -26.52
CA GLU A 264 -29.54 3.11 -25.65
C GLU A 264 -28.79 2.61 -24.42
N ARG A 265 -29.52 2.53 -23.31
CA ARG A 265 -28.99 2.03 -22.04
C ARG A 265 -28.80 0.51 -22.13
N LYS A 266 -27.59 0.06 -21.80
CA LYS A 266 -27.24 -1.37 -21.81
C LYS A 266 -26.49 -1.72 -20.54
N VAL A 267 -26.66 -2.96 -20.08
CA VAL A 267 -26.01 -3.46 -18.88
C VAL A 267 -24.67 -4.07 -19.29
N PRO A 268 -23.56 -3.68 -18.61
CA PRO A 268 -22.27 -4.25 -18.97
C PRO A 268 -22.10 -5.65 -18.39
N VAL A 269 -21.33 -6.47 -19.11
CA VAL A 269 -20.86 -7.75 -18.59
C VAL A 269 -19.69 -7.46 -17.66
N MET A 270 -19.58 -8.27 -16.61
CA MET A 270 -18.50 -8.15 -15.62
C MET A 270 -17.63 -9.41 -15.68
N ILE A 271 -16.31 -9.19 -15.61
CA ILE A 271 -15.34 -10.28 -15.49
C ILE A 271 -14.61 -10.11 -14.16
N HIS A 272 -14.67 -11.13 -13.32
CA HIS A 272 -13.89 -11.18 -12.08
C HIS A 272 -12.59 -11.88 -12.45
N ARG A 273 -11.47 -11.36 -11.97
CA ARG A 273 -10.19 -12.03 -12.16
C ARG A 273 -9.21 -11.77 -11.02
N ALA A 274 -8.66 -12.87 -10.50
CA ALA A 274 -7.51 -12.86 -9.61
C ALA A 274 -6.51 -13.89 -10.13
N ILE A 275 -5.22 -13.59 -9.96
CA ILE A 275 -4.14 -14.37 -10.55
C ILE A 275 -3.36 -15.09 -9.45
N LEU A 276 -2.83 -14.31 -8.51
CA LEU A 276 -2.15 -14.84 -7.34
C LEU A 276 -3.12 -15.42 -6.33
N GLY A 277 -4.32 -14.83 -6.27
CA GLY A 277 -5.31 -15.17 -5.25
C GLY A 277 -4.95 -14.43 -3.96
N SER A 278 -5.21 -15.07 -2.82
CA SER A 278 -4.82 -14.52 -1.53
C SER A 278 -3.30 -14.29 -1.49
N MET A 279 -2.89 -13.04 -1.33
CA MET A 279 -1.48 -12.66 -1.37
C MET A 279 -0.69 -13.13 -0.15
N GLU A 280 -1.37 -13.28 0.98
CA GLU A 280 -0.79 -13.90 2.18
C GLU A 280 -0.41 -15.35 1.87
N ARG A 281 -1.38 -16.09 1.34
CA ARG A 281 -1.18 -17.49 0.89
C ARG A 281 -0.09 -17.62 -0.15
N PHE A 282 -0.08 -16.70 -1.12
CA PHE A 282 0.90 -16.73 -2.20
C PHE A 282 2.33 -16.51 -1.70
N ILE A 283 2.49 -15.64 -0.70
CA ILE A 283 3.79 -15.47 -0.02
C ILE A 283 4.17 -16.78 0.69
N GLY A 284 3.19 -17.40 1.34
CA GLY A 284 3.35 -18.75 1.92
C GLY A 284 3.84 -19.76 0.89
N ILE A 285 3.20 -19.78 -0.28
CA ILE A 285 3.59 -20.67 -1.38
C ILE A 285 5.02 -20.35 -1.86
N LEU A 286 5.35 -19.07 -2.03
CA LEU A 286 6.70 -18.65 -2.44
C LEU A 286 7.77 -19.02 -1.41
N THR A 287 7.45 -18.84 -0.12
CA THR A 287 8.37 -19.21 0.97
C THR A 287 8.79 -20.69 0.89
N GLU A 288 7.84 -21.57 0.58
CA GLU A 288 8.10 -23.02 0.46
C GLU A 288 8.73 -23.38 -0.89
N GLU A 289 8.30 -22.72 -1.96
CA GLU A 289 8.90 -22.88 -3.30
C GLU A 289 10.39 -22.58 -3.30
N PHE A 290 10.75 -21.47 -2.66
CA PHE A 290 12.15 -21.02 -2.59
C PHE A 290 12.90 -21.47 -1.34
N ALA A 291 12.20 -22.11 -0.39
CA ALA A 291 12.77 -22.54 0.90
C ALA A 291 13.40 -21.38 1.71
N GLY A 292 12.83 -20.19 1.57
CA GLY A 292 13.37 -18.98 2.21
C GLY A 292 14.39 -18.21 1.39
N PHE A 293 14.88 -18.79 0.29
CA PHE A 293 15.82 -18.12 -0.61
C PHE A 293 15.00 -17.28 -1.61
N PHE A 294 14.46 -16.15 -1.13
CA PHE A 294 13.65 -15.28 -1.98
C PHE A 294 14.53 -14.64 -3.05
N PRO A 295 14.07 -14.60 -4.33
CA PRO A 295 14.84 -13.91 -5.37
C PRO A 295 15.20 -12.49 -4.96
N THR A 296 16.35 -12.00 -5.42
CA THR A 296 16.92 -10.74 -4.93
C THR A 296 15.87 -9.62 -4.84
N TRP A 297 15.04 -9.47 -5.87
CA TRP A 297 14.00 -8.41 -5.89
C TRP A 297 12.97 -8.48 -4.76
N LEU A 298 12.71 -9.68 -4.24
CA LEU A 298 11.81 -9.90 -3.11
C LEU A 298 12.50 -9.97 -1.75
N ALA A 299 13.82 -10.17 -1.75
CA ALA A 299 14.58 -10.38 -0.52
C ALA A 299 14.47 -9.18 0.42
N PRO A 300 14.10 -9.39 1.71
CA PRO A 300 14.00 -8.29 2.68
C PRO A 300 15.29 -7.47 2.80
N VAL A 301 16.41 -8.15 2.97
CA VAL A 301 17.75 -7.54 2.90
C VAL A 301 18.45 -8.16 1.69
N GLN A 302 18.76 -7.33 0.68
CA GLN A 302 19.32 -7.80 -0.58
C GLN A 302 20.85 -7.95 -0.51
N VAL A 303 21.51 -7.02 0.19
CA VAL A 303 22.98 -7.00 0.29
C VAL A 303 23.41 -6.71 1.73
N VAL A 304 24.42 -7.43 2.21
CA VAL A 304 25.11 -7.09 3.46
C VAL A 304 26.57 -6.81 3.13
N VAL A 305 27.03 -5.62 3.49
CA VAL A 305 28.43 -5.23 3.28
C VAL A 305 29.13 -5.46 4.60
N MET A 306 30.30 -6.10 4.54
CA MET A 306 31.04 -6.48 5.75
C MET A 306 32.54 -6.29 5.58
N ASN A 307 33.19 -6.07 6.72
CA ASN A 307 34.64 -5.90 6.81
C ASN A 307 35.30 -7.11 7.45
N ILE A 308 36.58 -7.31 7.13
CA ILE A 308 37.37 -8.38 7.74
C ILE A 308 37.86 -7.92 9.12
N THR A 309 38.44 -6.72 9.15
CA THR A 309 38.85 -6.06 10.40
C THR A 309 38.35 -4.61 10.45
N ASP A 310 38.43 -4.00 11.63
CA ASP A 310 38.06 -2.59 11.85
C ASP A 310 38.66 -1.63 10.81
N SER A 311 39.87 -1.95 10.35
CA SER A 311 40.58 -1.24 9.29
C SER A 311 39.77 -0.88 8.03
N GLN A 312 38.83 -1.74 7.62
CA GLN A 312 38.02 -1.48 6.42
C GLN A 312 36.66 -0.81 6.67
N SER A 313 36.41 -0.31 7.89
CA SER A 313 35.06 0.14 8.29
C SER A 313 34.52 1.31 7.46
N GLU A 314 35.38 2.28 7.15
CA GLU A 314 34.98 3.45 6.37
C GLU A 314 34.84 3.15 4.88
N TYR A 315 35.54 2.13 4.40
CA TYR A 315 35.32 1.61 3.04
C TYR A 315 33.93 0.97 2.96
N VAL A 316 33.58 0.19 3.98
CA VAL A 316 32.24 -0.41 4.11
C VAL A 316 31.13 0.65 4.19
N ASN A 317 31.37 1.73 4.94
CA ASN A 317 30.39 2.83 5.05
C ASN A 317 30.11 3.52 3.71
N GLU A 318 31.18 3.79 2.95
CA GLU A 318 31.04 4.43 1.63
C GLU A 318 30.31 3.51 0.66
N LEU A 319 30.68 2.24 0.68
CA LEU A 319 30.09 1.24 -0.18
C LEU A 319 28.60 1.07 0.13
N THR A 320 28.28 1.03 1.43
CA THR A 320 26.91 0.92 1.90
C THR A 320 26.07 2.14 1.47
N GLN A 321 26.65 3.33 1.51
CA GLN A 321 25.95 4.55 1.07
C GLN A 321 25.70 4.55 -0.44
N LYS A 322 26.69 4.10 -1.22
CA LYS A 322 26.53 3.93 -2.68
C LYS A 322 25.34 3.03 -3.06
N LEU A 323 25.20 1.93 -2.31
CA LEU A 323 24.12 0.96 -2.52
C LEU A 323 22.75 1.49 -2.10
N GLN A 324 22.71 2.28 -1.02
CA GLN A 324 21.50 3.00 -0.62
C GLN A 324 21.06 3.96 -1.72
N ASN A 325 22.02 4.68 -2.29
CA ASN A 325 21.75 5.63 -3.40
C ASN A 325 21.29 4.96 -4.68
N ALA A 326 21.76 3.74 -4.92
CA ALA A 326 21.33 2.93 -6.06
C ALA A 326 19.96 2.25 -5.88
N GLY A 327 19.35 2.39 -4.70
CA GLY A 327 18.00 1.90 -4.43
C GLY A 327 17.95 0.46 -3.96
N ILE A 328 19.02 -0.01 -3.34
CA ILE A 328 19.15 -1.40 -2.91
C ILE A 328 18.99 -1.48 -1.38
N ARG A 329 18.27 -2.49 -0.91
CA ARG A 329 18.05 -2.72 0.51
C ARG A 329 19.31 -3.32 1.11
N VAL A 330 20.12 -2.47 1.76
CA VAL A 330 21.47 -2.85 2.21
C VAL A 330 21.66 -2.58 3.70
N LYS A 331 22.41 -3.46 4.36
CA LYS A 331 22.87 -3.24 5.74
C LYS A 331 24.39 -3.39 5.76
N ALA A 332 25.01 -2.75 6.75
CA ALA A 332 26.44 -2.87 6.99
C ALA A 332 26.64 -3.73 8.23
N ASP A 333 27.44 -4.78 8.11
CA ASP A 333 27.83 -5.58 9.27
C ASP A 333 29.26 -5.25 9.71
N LEU A 334 29.35 -4.29 10.64
CA LEU A 334 30.62 -3.83 11.22
C LEU A 334 30.88 -4.34 12.63
N ARG A 335 30.29 -5.49 12.99
CA ARG A 335 30.51 -6.07 14.32
C ARG A 335 31.92 -6.64 14.45
N ASN A 336 32.37 -6.77 15.70
CA ASN A 336 33.66 -7.39 16.02
C ASN A 336 33.52 -8.91 16.05
N GLU A 337 33.41 -9.49 14.85
CA GLU A 337 33.25 -10.93 14.66
C GLU A 337 34.10 -11.39 13.48
N LYS A 338 34.35 -12.69 13.40
CA LYS A 338 35.10 -13.28 12.30
C LYS A 338 34.32 -13.12 11.00
N ILE A 339 35.03 -13.01 9.87
CA ILE A 339 34.37 -12.92 8.56
C ILE A 339 33.48 -14.14 8.27
N GLY A 340 33.95 -15.32 8.71
CA GLY A 340 33.16 -16.56 8.62
C GLY A 340 31.89 -16.55 9.44
N PHE A 341 31.95 -15.98 10.64
CA PHE A 341 30.78 -15.83 11.51
C PHE A 341 29.72 -14.89 10.90
N LYS A 342 30.19 -13.82 10.24
CA LYS A 342 29.30 -12.88 9.55
C LYS A 342 28.65 -13.52 8.32
N ILE A 343 29.44 -14.25 7.53
CA ILE A 343 28.94 -14.95 6.35
C ILE A 343 27.93 -16.06 6.70
N ARG A 344 28.22 -16.83 7.75
CA ARG A 344 27.31 -17.89 8.22
C ARG A 344 25.95 -17.34 8.70
N GLU A 345 25.96 -16.25 9.46
CA GLU A 345 24.72 -15.65 9.97
C GLU A 345 23.81 -15.13 8.85
N HIS A 346 24.40 -14.44 7.88
CA HIS A 346 23.63 -13.85 6.77
C HIS A 346 23.28 -14.85 5.65
N THR A 347 24.06 -15.93 5.55
CA THR A 347 23.68 -17.08 4.73
C THR A 347 22.41 -17.72 5.30
N LEU A 348 22.38 -17.90 6.62
CA LEU A 348 21.22 -18.44 7.33
C LEU A 348 19.99 -17.50 7.29
N ARG A 349 20.25 -16.20 7.29
CA ARG A 349 19.18 -15.19 7.08
C ARG A 349 18.74 -15.07 5.60
N ARG A 350 19.44 -15.75 4.70
CA ARG A 350 19.09 -15.85 3.28
C ARG A 350 19.29 -14.54 2.52
N VAL A 351 20.33 -13.78 2.91
CA VAL A 351 20.71 -12.57 2.20
C VAL A 351 21.33 -12.95 0.85
N PRO A 352 20.75 -12.49 -0.28
CA PRO A 352 21.27 -12.85 -1.60
C PRO A 352 22.78 -12.66 -1.80
N TYR A 353 23.29 -11.48 -1.42
CA TYR A 353 24.70 -11.13 -1.65
C TYR A 353 25.39 -10.59 -0.41
N MET A 354 26.59 -11.07 -0.16
CA MET A 354 27.45 -10.56 0.88
C MET A 354 28.69 -9.96 0.23
N LEU A 355 28.88 -8.66 0.45
CA LEU A 355 29.99 -7.92 -0.12
C LEU A 355 31.11 -7.79 0.92
N VAL A 356 32.20 -8.51 0.69
CA VAL A 356 33.30 -8.65 1.63
C VAL A 356 34.41 -7.67 1.27
N CYS A 357 34.85 -6.90 2.27
CA CYS A 357 35.87 -5.85 2.10
C CYS A 357 37.12 -6.14 2.94
N GLY A 358 38.15 -6.65 2.28
CA GLY A 358 39.50 -6.78 2.85
C GLY A 358 40.44 -5.74 2.26
N ASP A 359 41.70 -5.79 2.69
CA ASP A 359 42.73 -4.84 2.24
C ASP A 359 42.85 -4.79 0.71
N LYS A 360 42.98 -5.97 0.10
CA LYS A 360 43.10 -6.09 -1.36
C LYS A 360 41.92 -5.49 -2.12
N GLU A 361 40.72 -5.61 -1.54
CA GLU A 361 39.51 -5.02 -2.12
C GLU A 361 39.54 -3.50 -1.96
N VAL A 362 39.89 -3.03 -0.77
CA VAL A 362 40.00 -1.59 -0.48
C VAL A 362 41.05 -0.93 -1.37
N GLU A 363 42.23 -1.54 -1.44
CA GLU A 363 43.37 -1.01 -2.21
C GLU A 363 43.12 -0.92 -3.73
N ALA A 364 42.41 -1.90 -4.27
CA ALA A 364 42.07 -1.94 -5.70
C ALA A 364 40.83 -1.12 -6.07
N GLY A 365 40.00 -0.76 -5.08
CA GLY A 365 38.71 -0.10 -5.32
C GLY A 365 37.64 -1.09 -5.74
N LYS A 366 37.70 -2.28 -5.15
CA LYS A 366 36.84 -3.41 -5.55
C LYS A 366 36.10 -3.97 -4.35
N VAL A 367 35.31 -5.02 -4.58
CA VAL A 367 34.65 -5.75 -3.51
C VAL A 367 34.53 -7.24 -3.86
N ALA A 368 34.66 -8.10 -2.85
CA ALA A 368 34.54 -9.55 -3.04
C ALA A 368 33.09 -9.94 -2.79
N VAL A 369 32.49 -10.63 -3.75
CA VAL A 369 31.07 -10.96 -3.73
C VAL A 369 30.88 -12.44 -3.43
N ARG A 370 30.23 -12.74 -2.31
CA ARG A 370 29.83 -14.11 -1.94
C ARG A 370 28.30 -14.18 -1.91
N THR A 371 27.73 -15.29 -2.39
CA THR A 371 26.28 -15.52 -2.32
C THR A 371 25.90 -16.35 -1.09
N ARG A 372 24.60 -16.37 -0.81
CA ARG A 372 24.02 -17.26 0.20
C ARG A 372 24.09 -18.76 -0.16
N ARG A 373 24.26 -19.07 -1.44
CA ARG A 373 24.49 -20.46 -1.90
C ARG A 373 25.92 -20.96 -1.61
N GLY A 374 26.84 -20.04 -1.30
CA GLY A 374 28.23 -20.36 -1.01
C GLY A 374 29.20 -20.10 -2.15
N LYS A 375 28.71 -19.53 -3.25
CA LYS A 375 29.52 -19.30 -4.45
C LYS A 375 30.36 -18.02 -4.32
N ASP A 376 31.67 -18.17 -4.51
CA ASP A 376 32.61 -17.06 -4.53
C ASP A 376 32.74 -16.56 -5.98
N LEU A 377 32.25 -15.34 -6.22
CA LEU A 377 32.33 -14.71 -7.55
C LEU A 377 33.60 -13.87 -7.76
N GLY A 378 34.48 -13.83 -6.76
CA GLY A 378 35.75 -13.09 -6.86
C GLY A 378 35.61 -11.61 -6.61
N SER A 379 36.71 -10.89 -6.82
CA SER A 379 36.75 -9.43 -6.65
C SER A 379 36.23 -8.77 -7.93
N LEU A 380 35.37 -7.78 -7.75
CA LEU A 380 34.78 -7.03 -8.87
C LEU A 380 34.77 -5.53 -8.59
N ASP A 381 34.77 -4.75 -9.67
CA ASP A 381 34.63 -3.29 -9.61
C ASP A 381 33.28 -2.92 -8.95
N VAL A 382 33.32 -1.94 -8.03
CA VAL A 382 32.15 -1.56 -7.22
C VAL A 382 30.97 -1.09 -8.05
N ASN A 383 31.21 -0.14 -8.96
CA ASN A 383 30.16 0.36 -9.86
C ASN A 383 29.60 -0.74 -10.80
N ASP A 384 30.45 -1.69 -11.19
CA ASP A 384 30.01 -2.82 -12.01
C ASP A 384 29.09 -3.79 -11.25
N VAL A 385 29.38 -4.02 -9.97
CA VAL A 385 28.52 -4.85 -9.11
C VAL A 385 27.14 -4.20 -8.92
N ILE A 386 27.12 -2.90 -8.70
CA ILE A 386 25.87 -2.15 -8.52
C ILE A 386 25.00 -2.19 -9.78
N GLU A 387 25.60 -1.96 -10.95
CA GLU A 387 24.88 -2.04 -12.23
C GLU A 387 24.27 -3.44 -12.46
N LYS A 388 25.03 -4.48 -12.12
CA LYS A 388 24.56 -5.86 -12.22
C LYS A 388 23.50 -6.21 -11.17
N LEU A 389 23.65 -5.68 -9.96
CA LEU A 389 22.62 -5.85 -8.91
C LEU A 389 21.31 -5.19 -9.30
N GLN A 390 21.40 -3.97 -9.83
CA GLN A 390 20.25 -3.22 -10.34
C GLN A 390 19.50 -3.98 -11.45
N GLN A 391 20.25 -4.46 -12.43
CA GLN A 391 19.71 -5.25 -13.56
C GLN A 391 18.96 -6.51 -13.08
N GLU A 392 19.54 -7.21 -12.10
CA GLU A 392 18.91 -8.39 -11.51
C GLU A 392 17.57 -8.03 -10.83
N ILE A 393 17.59 -6.96 -10.04
CA ILE A 393 16.39 -6.44 -9.36
C ILE A 393 15.35 -5.90 -10.37
N ARG A 394 15.81 -5.08 -11.31
CA ARG A 394 14.96 -4.45 -12.35
C ARG A 394 14.20 -5.48 -13.21
N SER A 395 14.87 -6.55 -13.60
CA SER A 395 14.29 -7.62 -14.42
C SER A 395 13.56 -8.72 -13.63
N ARG A 396 13.64 -8.67 -12.29
CA ARG A 396 13.06 -9.68 -11.38
C ARG A 396 13.52 -11.10 -11.73
N SER A 397 14.83 -11.24 -11.89
CA SER A 397 15.44 -12.52 -12.25
C SER A 397 15.36 -13.52 -11.09
N LEU A 398 15.11 -14.78 -11.43
CA LEU A 398 15.24 -15.88 -10.47
C LEU A 398 16.70 -16.22 -10.17
N GLN A 399 17.59 -15.92 -11.10
CA GLN A 399 19.01 -16.30 -11.02
C GLN A 399 19.86 -15.24 -10.33
N GLN A 400 20.82 -15.68 -9.53
CA GLN A 400 21.88 -14.82 -9.02
C GLN A 400 22.99 -14.70 -10.06
N LEU A 401 23.92 -13.76 -9.85
CA LEU A 401 24.97 -13.45 -10.82
C LEU A 401 25.93 -14.62 -11.09
N GLU A 402 26.49 -14.62 -12.30
CA GLU A 402 27.42 -15.65 -12.75
C GLU A 402 28.87 -15.19 -12.59
N GLU A 403 29.74 -16.13 -12.21
CA GLU A 403 31.18 -15.89 -12.15
C GLU A 403 31.96 -17.20 -11.99
N GLY B 2 -13.61 29.42 -3.62
CA GLY B 2 -14.11 28.20 -4.32
C GLY B 2 -13.12 27.06 -4.20
N ARG B 3 -12.95 26.58 -2.97
CA ARG B 3 -11.99 25.50 -2.71
C ARG B 3 -12.54 24.37 -1.83
N ASP B 4 -13.78 23.93 -2.11
CA ASP B 4 -14.38 22.81 -1.39
C ASP B 4 -13.77 21.51 -1.90
N HIS B 5 -13.19 20.72 -1.00
CA HIS B 5 -12.65 19.40 -1.35
C HIS B 5 -13.72 18.45 -1.89
N ARG B 6 -14.95 18.59 -1.40
CA ARG B 6 -16.09 17.81 -1.89
C ARG B 6 -16.35 18.08 -3.38
N LYS B 7 -16.33 19.36 -3.75
CA LYS B 7 -16.52 19.78 -5.13
C LYS B 7 -15.34 19.38 -6.02
N ILE B 8 -14.13 19.67 -5.55
CA ILE B 8 -12.90 19.32 -6.30
C ILE B 8 -12.77 17.79 -6.44
N GLY B 9 -13.08 17.06 -5.38
CA GLY B 9 -13.11 15.59 -5.40
C GLY B 9 -14.07 14.98 -6.43
N LYS B 10 -15.20 15.66 -6.64
CA LYS B 10 -16.15 15.30 -7.70
C LYS B 10 -15.59 15.67 -9.07
N GLN B 11 -15.16 16.93 -9.21
CA GLN B 11 -14.65 17.47 -10.50
C GLN B 11 -13.45 16.70 -11.06
N LEU B 12 -12.49 16.38 -10.19
CA LEU B 12 -11.28 15.65 -10.59
C LEU B 12 -11.38 14.13 -10.44
N ASP B 13 -12.56 13.64 -10.04
CA ASP B 13 -12.86 12.19 -9.97
C ASP B 13 -11.91 11.49 -8.99
N LEU B 14 -11.76 12.08 -7.80
CA LEU B 14 -10.83 11.60 -6.78
C LEU B 14 -11.45 10.55 -5.89
N TYR B 15 -12.67 10.81 -5.45
CA TYR B 15 -13.36 9.92 -4.53
C TYR B 15 -14.85 10.17 -4.55
N HIS B 16 -15.58 9.33 -3.82
CA HIS B 16 -16.96 9.60 -3.47
C HIS B 16 -17.31 8.92 -2.15
N MET B 17 -18.48 9.27 -1.64
CA MET B 17 -19.05 8.66 -0.44
C MET B 17 -20.55 8.44 -0.66
N GLN B 18 -21.07 7.38 -0.05
CA GLN B 18 -22.48 6.99 -0.16
C GLN B 18 -23.07 6.79 1.22
N GLU B 19 -24.40 6.89 1.31
CA GLU B 19 -25.12 6.60 2.55
C GLU B 19 -25.02 5.14 3.01
N GLU B 20 -24.78 4.23 2.07
CA GLU B 20 -24.60 2.81 2.39
C GLU B 20 -23.34 2.51 3.23
N ALA B 21 -22.35 3.41 3.18
CA ALA B 21 -21.12 3.28 3.95
C ALA B 21 -20.74 4.65 4.56
N PRO B 22 -21.46 5.06 5.63
CA PRO B 22 -21.27 6.42 6.17
C PRO B 22 -19.85 6.69 6.66
N GLY B 23 -19.28 7.80 6.21
CA GLY B 23 -17.95 8.23 6.63
C GLY B 23 -16.84 7.27 6.23
N MET B 24 -16.97 6.63 5.08
CA MET B 24 -15.97 5.69 4.60
C MET B 24 -15.78 5.90 3.10
N VAL B 25 -14.53 6.15 2.70
CA VAL B 25 -14.24 6.71 1.39
C VAL B 25 -14.03 5.63 0.36
N PHE B 26 -14.66 5.80 -0.80
CA PHE B 26 -14.34 5.05 -2.01
C PHE B 26 -13.33 5.90 -2.77
N TRP B 27 -12.07 5.45 -2.81
CA TRP B 27 -11.04 6.16 -3.57
C TRP B 27 -11.06 5.72 -5.03
N HIS B 28 -11.36 6.65 -5.93
CA HIS B 28 -11.28 6.41 -7.37
C HIS B 28 -9.80 6.37 -7.78
N ASN B 29 -9.56 6.00 -9.04
CA ASN B 29 -8.20 5.89 -9.58
C ASN B 29 -7.30 7.08 -9.23
N ASP B 30 -7.72 8.26 -9.65
CA ASP B 30 -6.92 9.49 -9.48
C ASP B 30 -6.77 9.92 -8.01
N GLY B 31 -7.79 9.72 -7.20
CA GLY B 31 -7.71 9.99 -5.77
C GLY B 31 -6.75 9.06 -5.06
N TRP B 32 -6.84 7.77 -5.41
CA TRP B 32 -5.97 6.73 -4.85
C TRP B 32 -4.50 6.92 -5.26
N THR B 33 -4.27 7.46 -6.45
CA THR B 33 -2.93 7.86 -6.90
C THR B 33 -2.30 8.90 -5.97
N ILE B 34 -3.09 9.89 -5.56
CA ILE B 34 -2.63 10.92 -4.63
C ILE B 34 -2.31 10.30 -3.26
N PHE B 35 -3.22 9.44 -2.79
CA PHE B 35 -3.07 8.75 -1.50
C PHE B 35 -1.77 7.94 -1.43
N ARG B 36 -1.49 7.19 -2.50
CA ARG B 36 -0.29 6.35 -2.57
C ARG B 36 1.00 7.16 -2.69
N GLU B 37 0.97 8.27 -3.40
CA GLU B 37 2.13 9.17 -3.48
C GLU B 37 2.43 9.80 -2.13
N LEU B 38 1.37 10.16 -1.39
CA LEU B 38 1.50 10.62 -0.02
C LEU B 38 2.13 9.53 0.87
N GLU B 39 1.76 8.28 0.58
CA GLU B 39 2.34 7.11 1.24
C GLU B 39 3.84 6.92 0.90
N VAL B 40 4.18 7.10 -0.38
CA VAL B 40 5.57 7.06 -0.84
C VAL B 40 6.40 8.13 -0.13
N PHE B 41 5.84 9.32 0.00
CA PHE B 41 6.49 10.44 0.69
C PHE B 41 6.75 10.11 2.17
N VAL B 42 5.74 9.58 2.86
CA VAL B 42 5.92 9.21 4.27
C VAL B 42 7.00 8.14 4.43
N ARG B 43 7.01 7.14 3.53
CA ARG B 43 8.02 6.09 3.54
C ARG B 43 9.46 6.57 3.35
N SER B 44 9.67 7.57 2.51
CA SER B 44 11.00 8.19 2.36
C SER B 44 11.47 8.85 3.66
N LYS B 45 10.53 9.42 4.42
CA LYS B 45 10.80 9.95 5.76
C LYS B 45 10.99 8.85 6.80
N LEU B 46 10.25 7.74 6.67
CA LEU B 46 10.47 6.57 7.54
C LEU B 46 11.88 6.00 7.38
N LYS B 47 12.37 5.93 6.14
CA LYS B 47 13.74 5.50 5.85
C LYS B 47 14.79 6.46 6.43
N GLU B 48 14.61 7.75 6.16
CA GLU B 48 15.52 8.80 6.66
C GLU B 48 15.61 8.86 8.19
N TYR B 49 14.46 8.72 8.87
CA TYR B 49 14.40 8.75 10.33
C TYR B 49 14.46 7.36 11.02
N GLN B 50 14.86 6.32 10.27
CA GLN B 50 15.15 4.97 10.83
C GLN B 50 13.93 4.29 11.46
N TYR B 51 12.86 4.18 10.67
CA TYR B 51 11.63 3.49 11.09
C TYR B 51 11.48 2.15 10.37
N GLN B 52 11.07 1.12 11.12
CA GLN B 52 10.50 -0.10 10.54
C GLN B 52 9.07 0.19 10.09
N GLU B 53 8.61 -0.56 9.08
CA GLU B 53 7.19 -0.51 8.71
C GLU B 53 6.56 -1.90 8.86
N VAL B 54 5.44 -1.96 9.57
CA VAL B 54 4.73 -3.20 9.86
C VAL B 54 3.26 -3.09 9.46
N LYS B 55 2.55 -4.20 9.56
CA LYS B 55 1.11 -4.25 9.30
C LYS B 55 0.46 -5.22 10.29
N GLY B 56 -0.57 -4.74 10.97
CA GLY B 56 -1.25 -5.50 12.03
C GLY B 56 -2.62 -5.98 11.59
N PRO B 57 -3.27 -6.83 12.41
CA PRO B 57 -4.59 -7.34 12.07
C PRO B 57 -5.70 -6.31 12.23
N PHE B 58 -6.73 -6.45 11.41
CA PHE B 58 -7.87 -5.53 11.39
C PHE B 58 -8.71 -5.56 12.67
N MET B 59 -8.73 -6.70 13.38
CA MET B 59 -9.43 -6.83 14.65
C MET B 59 -8.68 -7.74 15.63
N MET B 60 -8.96 -7.54 16.91
CA MET B 60 -8.45 -8.40 17.97
C MET B 60 -9.52 -8.64 19.02
N ASP B 61 -9.28 -9.66 19.85
CA ASP B 61 -10.21 -10.10 20.89
C ASP B 61 -10.50 -8.97 21.88
N ARG B 62 -11.74 -8.87 22.33
CA ARG B 62 -12.15 -7.92 23.36
C ARG B 62 -11.36 -8.09 24.66
N VAL B 63 -11.05 -9.35 25.00
CA VAL B 63 -10.26 -9.69 26.19
C VAL B 63 -8.91 -8.97 26.22
N LEU B 64 -8.29 -8.82 25.04
CA LEU B 64 -7.05 -8.05 24.91
C LEU B 64 -7.26 -6.55 25.10
N TRP B 65 -8.30 -6.00 24.48
CA TRP B 65 -8.62 -4.58 24.62
C TRP B 65 -9.01 -4.16 26.06
N GLU B 66 -9.58 -5.09 26.82
CA GLU B 66 -9.81 -4.89 28.26
C GLU B 66 -8.49 -4.78 29.05
N LYS B 67 -7.50 -5.59 28.66
CA LYS B 67 -6.17 -5.57 29.29
C LYS B 67 -5.32 -4.32 28.96
N THR B 68 -5.65 -3.60 27.88
CA THR B 68 -4.93 -2.36 27.52
C THR B 68 -5.24 -1.18 28.43
N GLY B 69 -6.46 -1.15 28.98
CA GLY B 69 -6.94 -0.04 29.79
C GLY B 69 -7.68 1.06 29.03
N HIS B 70 -7.92 0.84 27.73
CA HIS B 70 -8.68 1.78 26.89
C HIS B 70 -10.15 1.42 26.78
N TRP B 71 -10.56 0.26 27.30
CA TRP B 71 -11.91 -0.27 27.13
C TRP B 71 -13.01 0.68 27.62
N ASP B 72 -12.89 1.14 28.86
CA ASP B 72 -13.90 2.02 29.47
C ASP B 72 -14.06 3.36 28.75
N ASN B 73 -12.95 3.89 28.23
CA ASN B 73 -12.94 5.16 27.48
C ASN B 73 -13.43 5.00 26.03
N TYR B 74 -13.00 3.93 25.36
CA TYR B 74 -13.34 3.67 23.95
C TYR B 74 -14.57 2.77 23.71
N LYS B 75 -15.16 2.22 24.78
CA LYS B 75 -16.36 1.35 24.70
C LYS B 75 -17.34 1.73 23.59
N ASP B 76 -17.84 2.95 23.66
CA ASP B 76 -18.88 3.44 22.75
C ASP B 76 -18.32 3.83 21.38
N ALA B 77 -17.04 4.18 21.31
CA ALA B 77 -16.39 4.59 20.06
C ALA B 77 -15.91 3.43 19.15
N MET B 78 -16.04 2.18 19.59
CA MET B 78 -15.56 1.01 18.83
C MET B 78 -16.66 0.23 18.11
N PHE B 79 -16.36 -0.20 16.88
CA PHE B 79 -17.13 -1.24 16.20
C PHE B 79 -16.73 -2.61 16.76
N THR B 80 -17.72 -3.43 17.10
CA THR B 80 -17.49 -4.81 17.56
C THR B 80 -18.16 -5.81 16.64
N THR B 81 -17.59 -7.02 16.59
CA THR B 81 -18.15 -8.13 15.81
C THR B 81 -17.90 -9.43 16.56
N SER B 82 -18.65 -10.48 16.21
CA SER B 82 -18.64 -11.75 16.94
C SER B 82 -18.29 -12.94 16.04
N SER B 83 -17.67 -13.94 16.65
CA SER B 83 -17.31 -15.19 15.97
C SER B 83 -16.97 -16.27 17.00
N GLU B 84 -17.75 -17.35 16.98
CA GLU B 84 -17.54 -18.52 17.86
C GLU B 84 -17.53 -18.17 19.34
N ASN B 85 -18.59 -17.48 19.79
CA ASN B 85 -18.76 -17.08 21.19
C ASN B 85 -17.68 -16.13 21.73
N ARG B 86 -16.99 -15.42 20.84
CA ARG B 86 -15.93 -14.48 21.21
C ARG B 86 -16.19 -13.13 20.54
N GLU B 87 -15.91 -12.06 21.27
CA GLU B 87 -16.12 -10.70 20.78
C GLU B 87 -14.80 -10.07 20.32
N TYR B 88 -14.79 -9.58 19.07
CA TYR B 88 -13.63 -8.92 18.48
C TYR B 88 -13.93 -7.44 18.24
N CYS B 89 -12.97 -6.59 18.55
CA CYS B 89 -13.08 -5.15 18.29
C CYS B 89 -12.32 -4.81 17.02
N ILE B 90 -12.99 -4.15 16.08
CA ILE B 90 -12.33 -3.57 14.91
C ILE B 90 -11.48 -2.42 15.44
N LYS B 91 -10.21 -2.39 15.05
CA LYS B 91 -9.24 -1.54 15.73
C LYS B 91 -9.52 -0.04 15.51
N PRO B 92 -9.60 0.74 16.60
CA PRO B 92 -9.62 2.20 16.49
C PRO B 92 -8.21 2.82 16.49
N MET B 93 -7.19 2.03 16.79
CA MET B 93 -5.80 2.47 16.80
C MET B 93 -4.85 1.29 16.71
N ASN B 94 -3.57 1.59 16.46
CA ASN B 94 -2.55 0.56 16.19
C ASN B 94 -1.63 0.22 17.36
N CYS B 95 -1.83 0.86 18.51
CA CYS B 95 -0.90 0.79 19.64
C CYS B 95 -0.72 -0.62 20.24
N PRO B 96 -1.84 -1.33 20.54
CA PRO B 96 -1.68 -2.68 21.09
C PRO B 96 -0.96 -3.64 20.14
N GLY B 97 -1.36 -3.65 18.87
CA GLY B 97 -0.76 -4.51 17.85
C GLY B 97 0.73 -4.38 17.63
N HIS B 98 1.23 -3.15 17.73
CA HIS B 98 2.66 -2.89 17.65
C HIS B 98 3.44 -3.48 18.83
N VAL B 99 2.81 -3.48 20.01
CA VAL B 99 3.40 -4.11 21.21
C VAL B 99 3.42 -5.63 21.05
N GLN B 100 2.36 -6.19 20.46
CA GLN B 100 2.30 -7.63 20.16
C GLN B 100 3.45 -8.06 19.25
N ILE B 101 3.82 -7.20 18.30
CA ILE B 101 4.98 -7.43 17.43
C ILE B 101 6.29 -7.30 18.22
N PHE B 102 6.37 -6.28 19.08
CA PHE B 102 7.51 -6.09 19.99
C PHE B 102 7.69 -7.28 20.97
N ASN B 103 6.57 -7.87 21.41
CA ASN B 103 6.61 -9.05 22.29
C ASN B 103 7.16 -10.33 21.65
N GLN B 104 7.19 -10.39 20.31
CA GLN B 104 7.80 -11.51 19.60
C GLN B 104 9.32 -11.37 19.56
N GLY B 105 10.02 -12.40 20.02
CA GLY B 105 11.48 -12.40 20.07
C GLY B 105 12.02 -11.60 21.25
N LEU B 106 13.12 -12.08 21.82
CA LEU B 106 13.75 -11.46 22.98
C LEU B 106 14.43 -10.15 22.61
N LYS B 107 14.01 -9.07 23.27
CA LYS B 107 14.54 -7.71 23.01
C LYS B 107 15.54 -7.32 24.09
N SER B 108 16.62 -6.65 23.68
CA SER B 108 17.64 -6.13 24.60
C SER B 108 17.76 -4.61 24.49
N TYR B 109 18.61 -4.03 25.33
CA TYR B 109 18.89 -2.59 25.31
C TYR B 109 19.52 -2.11 23.98
N ARG B 110 20.28 -2.99 23.33
CA ARG B 110 20.88 -2.69 22.01
C ARG B 110 19.86 -2.53 20.87
N ASP B 111 18.68 -3.13 21.02
CA ASP B 111 17.58 -2.97 20.06
C ASP B 111 16.86 -1.62 20.18
N LEU B 112 16.99 -0.97 21.34
CA LEU B 112 16.31 0.30 21.61
C LEU B 112 17.21 1.49 21.23
N PRO B 113 16.66 2.55 20.64
CA PRO B 113 15.23 2.72 20.37
C PRO B 113 14.75 1.92 19.16
N LEU B 114 13.58 1.29 19.30
CA LEU B 114 12.95 0.56 18.20
C LEU B 114 11.75 1.38 17.71
N ARG B 115 11.79 1.74 16.42
CA ARG B 115 10.80 2.62 15.81
C ARG B 115 9.95 1.83 14.80
N MET B 116 8.64 1.81 15.04
CA MET B 116 7.73 0.95 14.30
C MET B 116 6.55 1.77 13.78
N ALA B 117 6.49 1.95 12.46
CA ALA B 117 5.42 2.71 11.81
C ALA B 117 4.41 1.79 11.11
N GLU B 118 3.22 2.32 10.83
CA GLU B 118 2.17 1.61 10.09
C GLU B 118 1.16 2.61 9.51
N PHE B 119 0.76 2.37 8.25
CA PHE B 119 -0.38 3.05 7.67
C PHE B 119 -1.62 2.23 8.07
N GLY B 120 -2.03 2.43 9.31
CA GLY B 120 -2.98 1.54 9.97
C GLY B 120 -4.42 1.92 9.72
N SER B 121 -5.14 1.05 9.01
CA SER B 121 -6.55 1.23 8.75
C SER B 121 -7.34 1.09 10.05
N CYS B 122 -7.93 2.19 10.49
CA CYS B 122 -8.66 2.24 11.76
C CYS B 122 -10.12 2.66 11.57
N HIS B 123 -10.96 2.29 12.53
CA HIS B 123 -12.39 2.62 12.51
C HIS B 123 -12.89 3.12 13.86
N ARG B 124 -13.67 4.20 13.81
CA ARG B 124 -14.30 4.76 15.00
C ARG B 124 -15.80 4.89 14.74
N ASN B 125 -16.59 4.35 15.68
CA ASN B 125 -18.05 4.46 15.65
C ASN B 125 -18.50 5.71 16.38
N GLU B 126 -18.73 6.76 15.60
CA GLU B 126 -19.21 8.05 16.11
C GLU B 126 -20.46 8.43 15.35
N PRO B 127 -21.34 9.28 15.95
CA PRO B 127 -22.60 9.66 15.30
C PRO B 127 -22.44 10.18 13.86
N SER B 128 -23.35 9.78 12.98
CA SER B 128 -23.32 10.15 11.56
C SER B 128 -23.50 11.65 11.28
N GLY B 129 -24.11 12.38 12.24
CA GLY B 129 -24.21 13.83 12.18
C GLY B 129 -22.88 14.55 12.30
N ALA B 130 -21.92 13.95 13.00
CA ALA B 130 -20.57 14.50 13.17
C ALA B 130 -19.65 14.28 11.98
N LEU B 131 -20.11 13.57 10.95
CA LEU B 131 -19.32 13.31 9.74
C LEU B 131 -19.35 14.52 8.81
N HIS B 132 -18.19 14.92 8.30
CA HIS B 132 -18.06 16.05 7.37
C HIS B 132 -17.04 15.70 6.27
N GLY B 133 -17.55 15.31 5.10
CA GLY B 133 -16.69 14.95 3.95
C GLY B 133 -15.53 14.04 4.32
N LEU B 134 -14.30 14.51 4.05
CA LEU B 134 -13.06 13.81 4.43
C LEU B 134 -12.46 14.28 5.77
N MET B 135 -12.95 15.39 6.30
CA MET B 135 -12.40 15.98 7.53
C MET B 135 -12.76 15.21 8.80
N ARG B 136 -13.93 14.59 8.83
CA ARG B 136 -14.31 13.71 9.93
C ARG B 136 -14.98 12.47 9.34
N VAL B 137 -14.25 11.37 9.36
CA VAL B 137 -14.68 10.11 8.77
C VAL B 137 -14.66 8.98 9.81
N ARG B 138 -15.27 7.86 9.47
CA ARG B 138 -15.30 6.65 10.30
C ARG B 138 -14.13 5.72 10.01
N GLY B 139 -13.86 5.50 8.72
CA GLY B 139 -12.74 4.69 8.27
C GLY B 139 -11.57 5.59 7.92
N PHE B 140 -10.54 5.59 8.78
CA PHE B 140 -9.38 6.47 8.58
C PHE B 140 -8.06 5.72 8.69
N THR B 141 -7.04 6.32 8.09
CA THR B 141 -5.70 5.74 7.96
C THR B 141 -4.73 6.77 8.51
N GLN B 142 -4.20 6.53 9.71
CA GLN B 142 -3.20 7.42 10.30
C GLN B 142 -1.79 7.01 9.91
N ASP B 143 -0.92 8.01 9.79
CA ASP B 143 0.53 7.79 9.63
C ASP B 143 1.15 7.61 11.02
N ASP B 144 0.70 6.55 11.68
CA ASP B 144 1.00 6.30 13.07
C ASP B 144 2.36 5.62 13.20
N ALA B 145 2.99 5.80 14.36
CA ALA B 145 4.19 5.06 14.70
C ALA B 145 4.40 5.04 16.19
N HIS B 146 5.15 4.03 16.64
CA HIS B 146 5.51 3.87 18.03
C HIS B 146 7.00 3.65 18.18
N ILE B 147 7.60 4.37 19.13
CA ILE B 147 9.01 4.26 19.45
C ILE B 147 9.13 3.65 20.83
N PHE B 148 9.78 2.50 20.91
CA PHE B 148 10.05 1.82 22.17
C PHE B 148 11.47 2.16 22.59
N CYS B 149 11.62 2.75 23.78
CA CYS B 149 12.92 3.25 24.23
C CYS B 149 13.05 3.28 25.76
N THR B 150 14.26 3.58 26.23
CA THR B 150 14.55 3.72 27.67
C THR B 150 14.15 5.11 28.17
N GLU B 151 14.19 5.31 29.48
CA GLU B 151 13.86 6.60 30.10
C GLU B 151 14.84 7.72 29.70
N GLU B 152 16.11 7.36 29.59
CA GLU B 152 17.17 8.32 29.21
C GLU B 152 17.08 8.71 27.73
N GLN B 153 16.61 7.78 26.90
CA GLN B 153 16.45 8.01 25.46
C GLN B 153 15.23 8.87 25.06
N ILE B 154 14.31 9.14 26.00
CA ILE B 154 13.07 9.89 25.71
C ILE B 154 13.36 11.24 25.06
N ARG B 155 14.28 12.00 25.66
CA ARG B 155 14.60 13.36 25.24
C ARG B 155 15.00 13.44 23.77
N ASP B 156 15.84 12.50 23.34
CA ASP B 156 16.38 12.47 21.98
C ASP B 156 15.33 12.07 20.93
N GLU B 157 14.45 11.14 21.29
CA GLU B 157 13.41 10.64 20.37
C GLU B 157 12.29 11.67 20.18
N VAL B 158 11.94 12.40 21.23
CA VAL B 158 11.00 13.52 21.12
C VAL B 158 11.59 14.61 20.21
N ASN B 159 12.88 14.89 20.35
CA ASN B 159 13.60 15.80 19.46
C ASN B 159 13.51 15.37 17.99
N ALA B 160 13.75 14.09 17.74
CA ALA B 160 13.60 13.52 16.40
C ALA B 160 12.16 13.63 15.87
N CYS B 161 11.18 13.37 16.74
CA CYS B 161 9.76 13.50 16.37
C CYS B 161 9.43 14.94 15.97
N ILE B 162 9.92 15.91 16.75
CA ILE B 162 9.70 17.33 16.45
C ILE B 162 10.27 17.69 15.09
N ARG B 163 11.52 17.33 14.85
CA ARG B 163 12.19 17.59 13.55
C ARG B 163 11.40 17.00 12.39
N MET B 164 10.94 15.76 12.55
CA MET B 164 10.17 15.07 11.52
C MET B 164 8.84 15.79 11.22
N VAL B 165 8.21 16.35 12.26
CA VAL B 165 6.95 17.10 12.11
C VAL B 165 7.13 18.34 11.22
N TYR B 166 8.07 19.22 11.59
CA TYR B 166 8.33 20.46 10.86
C TYR B 166 8.85 20.22 9.43
N ASP B 167 9.75 19.25 9.30
CA ASP B 167 10.22 18.77 7.99
C ASP B 167 9.07 18.40 7.04
N MET B 168 8.11 17.63 7.53
CA MET B 168 7.00 17.16 6.71
C MET B 168 6.00 18.26 6.37
N TYR B 169 5.60 19.07 7.36
CA TYR B 169 4.69 20.19 7.11
C TYR B 169 5.25 21.20 6.12
N SER B 170 6.56 21.47 6.19
CA SER B 170 7.23 22.38 5.24
C SER B 170 7.17 21.93 3.78
N THR B 171 7.18 20.62 3.55
CA THR B 171 7.06 20.05 2.20
C THR B 171 5.77 20.52 1.47
N PHE B 172 4.68 20.68 2.23
CA PHE B 172 3.37 21.11 1.69
C PHE B 172 3.10 22.61 1.80
N GLY B 173 4.08 23.38 2.27
CA GLY B 173 3.96 24.84 2.40
C GLY B 173 3.37 25.36 3.70
N PHE B 174 3.20 24.49 4.70
CA PHE B 174 2.63 24.88 6.00
C PHE B 174 3.74 25.34 6.94
N GLU B 175 3.86 26.65 7.10
CA GLU B 175 4.89 27.28 7.95
C GLU B 175 4.37 27.87 9.26
N LYS B 176 3.09 28.25 9.30
CA LYS B 176 2.46 28.68 10.55
C LYS B 176 2.01 27.47 11.38
N ILE B 177 2.76 27.17 12.43
CA ILE B 177 2.52 26.01 13.30
C ILE B 177 2.34 26.48 14.74
N VAL B 178 1.22 26.08 15.34
CA VAL B 178 0.92 26.37 16.76
C VAL B 178 1.04 25.08 17.56
N VAL B 179 1.56 25.18 18.78
CA VAL B 179 1.93 24.03 19.60
C VAL B 179 1.30 24.13 20.99
N LYS B 180 0.81 22.99 21.48
CA LYS B 180 0.17 22.89 22.80
C LYS B 180 0.76 21.70 23.55
N LEU B 181 1.04 21.89 24.84
CA LEU B 181 1.50 20.81 25.72
C LEU B 181 0.41 20.50 26.75
N SER B 182 -0.17 19.30 26.66
CA SER B 182 -1.20 18.84 27.59
C SER B 182 -0.59 18.13 28.79
N THR B 183 -0.98 18.56 29.99
CA THR B 183 -0.41 18.07 31.26
C THR B 183 -1.37 17.11 32.01
N ARG B 184 -0.91 16.60 33.15
CA ARG B 184 -1.63 15.65 34.00
C ARG B 184 -3.12 16.00 34.28
N PRO B 185 -4.05 15.06 34.01
CA PRO B 185 -5.45 15.22 34.45
C PRO B 185 -5.68 14.74 35.89
N ASP B 186 -6.93 14.81 36.33
CA ASP B 186 -7.31 14.34 37.68
C ASP B 186 -7.23 12.82 37.80
N LYS B 187 -7.93 12.13 36.90
CA LYS B 187 -7.86 10.67 36.80
C LYS B 187 -6.66 10.26 35.95
N ARG B 188 -5.62 9.75 36.61
CA ARG B 188 -4.34 9.46 35.95
C ARG B 188 -3.54 8.32 36.59
N ILE B 189 -2.42 8.02 35.93
CA ILE B 189 -1.51 6.92 36.27
C ILE B 189 -0.13 7.46 36.65
N GLY B 190 0.56 6.73 37.52
CA GLY B 190 1.95 7.06 37.88
C GLY B 190 2.07 8.10 38.99
N SER B 191 3.22 8.09 39.66
CA SER B 191 3.51 9.04 40.73
C SER B 191 3.67 10.47 40.20
N ASP B 192 3.68 11.43 41.12
CA ASP B 192 3.85 12.85 40.77
C ASP B 192 5.21 13.14 40.12
N GLU B 193 6.25 12.47 40.64
CA GLU B 193 7.61 12.58 40.09
C GLU B 193 7.75 11.98 38.68
N MET B 194 6.89 11.03 38.34
CA MET B 194 6.81 10.46 36.99
C MET B 194 6.33 11.49 35.98
N TRP B 195 5.24 12.19 36.32
CA TRP B 195 4.72 13.29 35.49
C TRP B 195 5.66 14.51 35.47
N ASP B 196 6.41 14.73 36.55
CA ASP B 196 7.46 15.76 36.58
C ASP B 196 8.52 15.48 35.51
N ARG B 197 8.95 14.24 35.39
CA ARG B 197 9.88 13.81 34.32
C ARG B 197 9.24 13.98 32.95
N ALA B 198 8.07 13.37 32.75
CA ALA B 198 7.42 13.26 31.44
C ALA B 198 7.02 14.60 30.83
N GLU B 199 6.48 15.50 31.66
CA GLU B 199 6.11 16.86 31.23
C GLU B 199 7.35 17.70 30.92
N ALA B 200 8.36 17.61 31.80
CA ALA B 200 9.65 18.27 31.60
C ALA B 200 10.36 17.78 30.33
N ASP B 201 10.31 16.47 30.09
CA ASP B 201 10.90 15.89 28.87
C ASP B 201 10.34 16.55 27.60
N LEU B 202 9.03 16.71 27.55
CA LEU B 202 8.36 17.37 26.42
C LEU B 202 8.63 18.87 26.39
N ALA B 203 8.48 19.52 27.54
CA ALA B 203 8.70 20.96 27.68
C ALA B 203 10.13 21.38 27.31
N VAL B 204 11.12 20.69 27.86
CA VAL B 204 12.55 21.00 27.60
C VAL B 204 12.91 20.77 26.13
N ALA B 205 12.38 19.69 25.54
CA ALA B 205 12.57 19.41 24.12
C ALA B 205 12.06 20.54 23.22
N LEU B 206 10.90 21.11 23.55
CA LEU B 206 10.35 22.26 22.81
C LEU B 206 11.15 23.55 23.08
N GLU B 207 11.50 23.77 24.35
CA GLU B 207 12.32 24.91 24.76
C GLU B 207 13.69 24.93 24.09
N GLU B 208 14.36 23.77 24.04
CA GLU B 208 15.65 23.63 23.34
C GLU B 208 15.54 23.89 21.84
N ASN B 209 14.37 23.61 21.26
CA ASN B 209 14.11 23.92 19.86
C ASN B 209 13.55 25.31 19.56
N ASN B 210 13.48 26.16 20.59
CA ASN B 210 12.92 27.52 20.49
C ASN B 210 11.50 27.55 19.92
N ILE B 211 10.71 26.57 20.35
CA ILE B 211 9.34 26.42 19.89
C ILE B 211 8.46 26.94 21.00
N PRO B 212 7.79 28.07 20.78
CA PRO B 212 6.88 28.56 21.81
C PRO B 212 5.62 27.73 21.84
N PHE B 213 5.11 27.47 23.04
CA PHE B 213 3.90 26.67 23.23
C PHE B 213 3.09 27.19 24.40
N GLU B 214 1.80 26.88 24.40
CA GLU B 214 0.91 27.14 25.52
C GLU B 214 0.64 25.83 26.26
N TYR B 215 0.58 25.90 27.60
CA TYR B 215 0.16 24.76 28.41
C TYR B 215 -1.36 24.58 28.29
N GLN B 216 -1.79 23.32 28.17
CA GLN B 216 -3.19 22.96 28.06
C GLN B 216 -3.52 22.09 29.28
N LEU B 217 -3.76 22.76 30.40
CA LEU B 217 -3.75 22.12 31.71
C LEU B 217 -4.92 21.16 31.93
N GLY B 218 -4.61 19.94 32.35
CA GLY B 218 -5.61 18.89 32.59
C GLY B 218 -6.15 18.15 31.38
N GLU B 219 -5.67 18.50 30.18
CA GLU B 219 -6.23 17.96 28.92
C GLU B 219 -5.42 16.82 28.29
N GLY B 220 -4.51 16.23 29.07
CA GLY B 220 -3.71 15.08 28.62
C GLY B 220 -4.44 13.76 28.82
N ALA B 221 -3.81 12.67 28.39
CA ALA B 221 -4.32 11.31 28.63
C ALA B 221 -3.98 10.86 30.04
N PHE B 222 -4.61 9.76 30.47
CA PHE B 222 -4.41 9.19 31.81
C PHE B 222 -3.06 8.47 31.99
N TYR B 223 -2.37 8.20 30.88
CA TYR B 223 -1.11 7.43 30.86
C TYR B 223 0.15 8.24 30.51
N GLY B 224 0.00 9.53 30.17
CA GLY B 224 1.14 10.42 29.95
C GLY B 224 0.79 11.72 29.23
N PRO B 225 1.69 12.72 29.28
CA PRO B 225 1.46 14.00 28.60
C PRO B 225 1.71 13.90 27.10
N LYS B 226 1.31 14.95 26.38
CA LYS B 226 1.48 15.01 24.92
C LYS B 226 1.76 16.41 24.40
N ILE B 227 2.44 16.48 23.26
CA ILE B 227 2.53 17.69 22.46
C ILE B 227 1.55 17.53 21.30
N GLU B 228 0.86 18.60 20.96
CA GLU B 228 -0.03 18.64 19.79
C GLU B 228 0.36 19.77 18.87
N PHE B 229 0.40 19.47 17.57
CA PHE B 229 0.83 20.41 16.54
C PHE B 229 -0.35 20.76 15.66
N THR B 230 -0.54 22.05 15.44
CA THR B 230 -1.66 22.58 14.68
C THR B 230 -1.12 23.45 13.56
N LEU B 231 -1.47 23.11 12.33
CA LEU B 231 -1.03 23.86 11.14
C LEU B 231 -2.15 24.75 10.62
N TYR B 232 -1.77 25.75 9.82
CA TYR B 232 -2.69 26.76 9.29
C TYR B 232 -2.61 26.81 7.76
N ASP B 233 -3.76 26.67 7.11
CA ASP B 233 -3.84 26.72 5.64
C ASP B 233 -3.83 28.17 5.11
N CYS B 234 -3.91 28.34 3.80
CA CYS B 234 -3.90 29.68 3.18
C CYS B 234 -5.08 30.58 3.56
N LEU B 235 -6.20 29.98 4.00
CA LEU B 235 -7.33 30.74 4.59
C LEU B 235 -7.21 31.01 6.11
N ASP B 236 -6.07 30.64 6.70
CA ASP B 236 -5.81 30.83 8.13
C ASP B 236 -6.75 30.03 9.05
N ARG B 237 -7.17 28.85 8.58
CA ARG B 237 -7.93 27.91 9.41
C ARG B 237 -6.98 26.96 10.13
N ALA B 238 -7.25 26.71 11.40
CA ALA B 238 -6.46 25.79 12.21
C ALA B 238 -6.84 24.34 11.96
N TRP B 239 -5.84 23.49 11.72
CA TRP B 239 -6.02 22.03 11.63
C TRP B 239 -5.02 21.35 12.56
N GLN B 240 -5.51 20.74 13.63
CA GLN B 240 -4.69 19.90 14.50
C GLN B 240 -4.41 18.58 13.77
N CYS B 241 -3.13 18.31 13.53
CA CYS B 241 -2.69 17.11 12.79
C CYS B 241 -1.68 16.25 13.56
N GLY B 242 -0.61 16.88 14.06
CA GLY B 242 0.48 16.18 14.72
C GLY B 242 0.28 15.93 16.19
N THR B 243 0.71 14.76 16.66
CA THR B 243 0.65 14.40 18.09
C THR B 243 1.94 13.67 18.46
N VAL B 244 2.48 13.99 19.63
CA VAL B 244 3.59 13.23 20.23
C VAL B 244 3.21 12.96 21.68
N GLN B 245 2.91 11.70 21.98
CA GLN B 245 2.30 11.29 23.25
C GLN B 245 3.21 10.29 23.97
N LEU B 246 3.59 10.62 25.21
CA LEU B 246 4.32 9.68 26.08
C LEU B 246 3.37 8.68 26.72
N ASP B 247 3.86 7.48 27.01
CA ASP B 247 3.05 6.40 27.55
C ASP B 247 3.88 5.55 28.52
N PHE B 248 3.48 5.57 29.80
CA PHE B 248 4.11 4.80 30.88
C PHE B 248 3.14 3.76 31.45
N SER B 249 2.16 3.32 30.65
CA SER B 249 1.09 2.42 31.10
C SER B 249 0.95 1.20 30.19
N LEU B 250 0.71 1.44 28.91
CA LEU B 250 0.42 0.39 27.93
C LEU B 250 1.47 -0.72 27.81
N PRO B 251 2.78 -0.38 27.89
CA PRO B 251 3.81 -1.44 27.87
C PRO B 251 3.68 -2.42 29.04
N SER B 252 3.56 -1.90 30.26
CA SER B 252 3.43 -2.69 31.48
C SER B 252 2.19 -3.58 31.45
N ARG B 253 1.06 -3.00 31.07
CA ARG B 253 -0.22 -3.72 31.02
C ARG B 253 -0.30 -4.78 29.92
N LEU B 254 0.52 -4.65 28.87
CA LEU B 254 0.64 -5.67 27.81
C LEU B 254 1.90 -6.55 27.89
N SER B 255 2.57 -6.53 29.04
CA SER B 255 3.76 -7.37 29.30
C SER B 255 4.95 -7.10 28.35
N ALA B 256 5.15 -5.84 28.01
CA ALA B 256 6.32 -5.41 27.23
C ALA B 256 7.54 -5.33 28.13
N SER B 257 8.62 -5.99 27.72
CA SER B 257 9.88 -5.98 28.46
C SER B 257 11.08 -6.16 27.54
N TYR B 258 12.23 -5.75 28.04
CA TYR B 258 13.52 -5.95 27.36
C TYR B 258 14.61 -6.26 28.38
N VAL B 259 15.64 -6.99 27.94
CA VAL B 259 16.77 -7.35 28.80
C VAL B 259 17.71 -6.16 28.87
N GLY B 260 17.78 -5.51 30.03
CA GLY B 260 18.62 -4.34 30.23
C GLY B 260 20.11 -4.63 30.22
N GLU B 261 20.89 -3.57 30.45
CA GLU B 261 22.35 -3.66 30.42
C GLU B 261 22.92 -4.52 31.58
N ASP B 262 22.16 -4.61 32.67
CA ASP B 262 22.51 -5.43 33.85
C ASP B 262 21.87 -6.84 33.89
N ASN B 263 21.41 -7.33 32.73
CA ASN B 263 20.78 -8.67 32.59
C ASN B 263 19.53 -8.88 33.47
N GLU B 264 18.65 -7.89 33.51
CA GLU B 264 17.36 -7.98 34.21
C GLU B 264 16.25 -7.31 33.40
N ARG B 265 15.02 -7.78 33.59
CA ARG B 265 13.85 -7.31 32.83
C ARG B 265 13.44 -5.89 33.21
N LYS B 266 13.57 -4.97 32.25
CA LYS B 266 13.06 -3.60 32.36
C LYS B 266 11.88 -3.41 31.41
N VAL B 267 10.88 -2.64 31.84
CA VAL B 267 9.73 -2.26 31.00
C VAL B 267 10.12 -1.01 30.22
N PRO B 268 9.97 -1.03 28.88
CA PRO B 268 10.30 0.15 28.09
C PRO B 268 9.19 1.19 28.14
N VAL B 269 9.54 2.44 27.83
CA VAL B 269 8.56 3.51 27.64
C VAL B 269 8.23 3.63 26.16
N MET B 270 6.98 3.98 25.87
CA MET B 270 6.48 4.08 24.50
C MET B 270 6.16 5.54 24.17
N ILE B 271 6.60 5.97 22.99
CA ILE B 271 6.22 7.26 22.44
C ILE B 271 5.28 6.98 21.28
N HIS B 272 4.05 7.50 21.37
CA HIS B 272 3.09 7.46 20.28
C HIS B 272 3.35 8.73 19.46
N ARG B 273 3.27 8.62 18.14
CA ARG B 273 3.46 9.80 17.29
C ARG B 273 2.80 9.69 15.90
N ALA B 274 2.01 10.70 15.56
CA ALA B 274 1.45 10.89 14.22
C ALA B 274 1.74 12.32 13.80
N ILE B 275 1.93 12.53 12.50
CA ILE B 275 2.30 13.84 11.96
C ILE B 275 1.18 14.41 11.09
N LEU B 276 0.84 13.70 10.03
CA LEU B 276 -0.30 14.02 9.19
C LEU B 276 -1.63 13.77 9.88
N GLY B 277 -1.68 12.77 10.76
CA GLY B 277 -2.95 12.29 11.34
C GLY B 277 -3.69 11.48 10.29
N SER B 278 -5.01 11.56 10.29
CA SER B 278 -5.84 10.94 9.26
C SER B 278 -5.41 11.39 7.86
N MET B 279 -4.91 10.46 7.05
CA MET B 279 -4.45 10.79 5.70
C MET B 279 -5.57 11.14 4.73
N GLU B 280 -6.78 10.66 5.00
CA GLU B 280 -7.98 11.05 4.25
C GLU B 280 -8.25 12.54 4.49
N ARG B 281 -8.19 12.93 5.77
CA ARG B 281 -8.35 14.33 6.19
C ARG B 281 -7.24 15.23 5.67
N PHE B 282 -5.99 14.75 5.73
CA PHE B 282 -4.85 15.51 5.20
C PHE B 282 -4.95 15.75 3.70
N ILE B 283 -5.39 14.72 2.97
CA ILE B 283 -5.71 14.86 1.53
C ILE B 283 -6.78 15.93 1.33
N GLY B 284 -7.80 15.91 2.18
CA GLY B 284 -8.83 16.95 2.21
C GLY B 284 -8.26 18.34 2.39
N ILE B 285 -7.38 18.50 3.38
CA ILE B 285 -6.74 19.80 3.66
C ILE B 285 -5.90 20.28 2.48
N LEU B 286 -5.13 19.36 1.88
CA LEU B 286 -4.31 19.67 0.71
C LEU B 286 -5.16 20.03 -0.51
N THR B 287 -6.25 19.29 -0.72
CA THR B 287 -7.16 19.59 -1.83
C THR B 287 -7.65 21.05 -1.75
N GLU B 288 -8.00 21.49 -0.54
CA GLU B 288 -8.45 22.87 -0.31
C GLU B 288 -7.29 23.87 -0.35
N GLU B 289 -6.17 23.55 0.30
CA GLU B 289 -4.97 24.40 0.30
C GLU B 289 -4.54 24.79 -1.11
N PHE B 290 -4.51 23.80 -2.01
CA PHE B 290 -4.09 24.01 -3.40
C PHE B 290 -5.23 24.30 -4.37
N ALA B 291 -6.47 24.19 -3.90
CA ALA B 291 -7.68 24.34 -4.74
C ALA B 291 -7.68 23.40 -5.95
N GLY B 292 -7.20 22.17 -5.76
CA GLY B 292 -7.11 21.20 -6.86
C GLY B 292 -5.86 21.27 -7.74
N PHE B 293 -5.10 22.37 -7.66
CA PHE B 293 -3.85 22.53 -8.40
C PHE B 293 -2.73 21.86 -7.61
N PHE B 294 -2.77 20.53 -7.53
CA PHE B 294 -1.83 19.77 -6.71
C PHE B 294 -0.40 19.95 -7.24
N PRO B 295 0.60 20.10 -6.34
CA PRO B 295 2.00 20.10 -6.78
C PRO B 295 2.27 18.90 -7.68
N THR B 296 3.13 19.09 -8.69
CA THR B 296 3.31 18.10 -9.75
C THR B 296 3.55 16.68 -9.24
N TRP B 297 4.34 16.56 -8.17
CA TRP B 297 4.61 15.23 -7.58
C TRP B 297 3.37 14.51 -7.07
N LEU B 298 2.38 15.28 -6.59
CA LEU B 298 1.09 14.76 -6.13
C LEU B 298 0.04 14.59 -7.23
N ALA B 299 0.13 15.40 -8.30
CA ALA B 299 -0.88 15.41 -9.37
C ALA B 299 -1.17 14.00 -9.91
N PRO B 300 -2.44 13.57 -9.96
CA PRO B 300 -2.80 12.25 -10.50
C PRO B 300 -2.25 11.99 -11.90
N VAL B 301 -2.47 12.93 -12.81
CA VAL B 301 -1.86 12.91 -14.14
C VAL B 301 -0.99 14.14 -14.20
N GLN B 302 0.31 13.92 -14.43
CA GLN B 302 1.29 15.00 -14.39
C GLN B 302 1.46 15.68 -15.75
N VAL B 303 1.42 14.88 -16.80
CA VAL B 303 1.57 15.36 -18.18
C VAL B 303 0.53 14.72 -19.11
N VAL B 304 0.06 15.48 -20.10
CA VAL B 304 -0.75 14.94 -21.19
C VAL B 304 -0.15 15.37 -22.52
N VAL B 305 0.25 14.39 -23.34
CA VAL B 305 0.83 14.66 -24.66
C VAL B 305 -0.29 14.58 -25.71
N MET B 306 -0.26 15.51 -26.66
CA MET B 306 -1.37 15.76 -27.59
C MET B 306 -0.86 16.04 -28.99
N ASN B 307 -1.64 15.62 -29.98
CA ASN B 307 -1.34 15.87 -31.40
C ASN B 307 -2.29 16.93 -31.98
N ILE B 308 -1.73 17.84 -32.78
CA ILE B 308 -2.53 18.88 -33.47
C ILE B 308 -3.43 18.24 -34.54
N THR B 309 -2.93 17.20 -35.20
CA THR B 309 -3.71 16.42 -36.17
C THR B 309 -3.23 14.96 -36.19
N ASP B 310 -3.92 14.14 -36.99
CA ASP B 310 -3.62 12.70 -37.12
C ASP B 310 -2.16 12.40 -37.54
N SER B 311 -1.56 13.32 -38.30
CA SER B 311 -0.16 13.23 -38.74
C SER B 311 0.86 12.94 -37.63
N GLN B 312 0.76 13.65 -36.50
CA GLN B 312 1.73 13.55 -35.40
C GLN B 312 1.59 12.32 -34.47
N SER B 313 0.51 11.54 -34.65
CA SER B 313 0.23 10.31 -33.86
C SER B 313 1.45 9.51 -33.35
N GLU B 314 2.37 9.20 -34.26
CA GLU B 314 3.56 8.42 -33.93
C GLU B 314 4.57 9.17 -33.05
N TYR B 315 4.67 10.49 -33.22
CA TYR B 315 5.56 11.34 -32.41
C TYR B 315 5.09 11.47 -30.96
N VAL B 316 3.78 11.56 -30.76
CA VAL B 316 3.16 11.58 -29.43
C VAL B 316 3.45 10.30 -28.64
N ASN B 317 3.36 9.16 -29.30
CA ASN B 317 3.63 7.86 -28.68
C ASN B 317 5.09 7.68 -28.24
N GLU B 318 6.03 8.16 -29.04
CA GLU B 318 7.44 8.18 -28.69
C GLU B 318 7.72 9.09 -27.50
N LEU B 319 7.13 10.29 -27.53
CA LEU B 319 7.28 11.26 -26.43
C LEU B 319 6.62 10.79 -25.13
N THR B 320 5.45 10.16 -25.26
CA THR B 320 4.75 9.57 -24.11
C THR B 320 5.57 8.45 -23.46
N GLN B 321 6.13 7.58 -24.30
CA GLN B 321 6.98 6.47 -23.83
C GLN B 321 8.23 6.99 -23.11
N LYS B 322 8.88 7.99 -23.70
CA LYS B 322 10.05 8.64 -23.09
C LYS B 322 9.74 9.25 -21.72
N LEU B 323 8.58 9.92 -21.63
CA LEU B 323 8.08 10.44 -20.35
C LEU B 323 7.80 9.33 -19.34
N GLN B 324 7.15 8.26 -19.81
CA GLN B 324 6.85 7.08 -18.99
C GLN B 324 8.11 6.35 -18.49
N ASN B 325 9.17 6.34 -19.29
CA ASN B 325 10.48 5.80 -18.88
C ASN B 325 11.15 6.61 -17.77
N ALA B 326 10.98 7.93 -17.82
CA ALA B 326 11.51 8.85 -16.79
C ALA B 326 10.75 8.81 -15.45
N GLY B 327 9.64 8.08 -15.40
CA GLY B 327 8.86 7.89 -14.17
C GLY B 327 7.83 8.97 -13.96
N ILE B 328 7.15 9.34 -15.04
CA ILE B 328 6.16 10.42 -15.04
C ILE B 328 4.79 9.85 -15.41
N ARG B 329 3.78 10.22 -14.64
CA ARG B 329 2.40 9.80 -14.87
C ARG B 329 1.82 10.58 -16.05
N VAL B 330 1.82 9.94 -17.22
CA VAL B 330 1.51 10.58 -18.50
C VAL B 330 0.39 9.84 -19.24
N LYS B 331 -0.38 10.59 -20.02
CA LYS B 331 -1.45 10.04 -20.86
C LYS B 331 -1.41 10.68 -22.23
N ALA B 332 -1.32 9.85 -23.26
CA ALA B 332 -1.48 10.31 -24.64
C ALA B 332 -2.96 10.53 -24.92
N ASP B 333 -3.29 11.64 -25.57
CA ASP B 333 -4.66 11.97 -25.95
C ASP B 333 -4.78 12.06 -27.48
N LEU B 334 -5.09 10.91 -28.08
CA LEU B 334 -5.18 10.77 -29.55
C LEU B 334 -6.62 10.59 -30.05
N ARG B 335 -7.55 11.35 -29.46
CA ARG B 335 -8.94 11.39 -29.90
C ARG B 335 -9.06 12.36 -31.07
N ASN B 336 -10.23 12.38 -31.70
CA ASN B 336 -10.53 13.28 -32.84
C ASN B 336 -11.59 14.32 -32.48
N GLU B 337 -11.20 15.26 -31.61
CA GLU B 337 -12.14 16.23 -31.05
C GLU B 337 -11.74 17.71 -31.15
N LYS B 338 -10.73 18.02 -31.96
CA LYS B 338 -10.09 19.36 -32.08
C LYS B 338 -9.12 19.64 -30.91
N ILE B 339 -8.21 20.58 -31.14
CA ILE B 339 -7.06 20.79 -30.26
C ILE B 339 -7.49 21.50 -28.98
N GLY B 340 -8.17 22.63 -29.14
CA GLY B 340 -8.71 23.42 -28.03
C GLY B 340 -9.66 22.67 -27.10
N PHE B 341 -10.47 21.78 -27.68
CA PHE B 341 -11.37 20.89 -26.94
C PHE B 341 -10.59 20.05 -25.93
N LYS B 342 -9.53 19.41 -26.41
CA LYS B 342 -8.68 18.57 -25.58
C LYS B 342 -8.00 19.38 -24.48
N ILE B 343 -7.38 20.49 -24.87
CA ILE B 343 -6.68 21.41 -23.94
C ILE B 343 -7.63 21.80 -22.79
N ARG B 344 -8.81 22.30 -23.14
CA ARG B 344 -9.85 22.66 -22.17
C ARG B 344 -10.10 21.57 -21.12
N GLU B 345 -10.24 20.33 -21.57
CA GLU B 345 -10.62 19.21 -20.72
C GLU B 345 -9.55 18.88 -19.66
N HIS B 346 -8.30 18.81 -20.09
CA HIS B 346 -7.18 18.54 -19.17
C HIS B 346 -6.78 19.76 -18.35
N THR B 347 -7.03 20.95 -18.89
CA THR B 347 -6.88 22.20 -18.14
C THR B 347 -7.82 22.19 -16.94
N LEU B 348 -9.08 21.85 -17.16
CA LEU B 348 -10.08 21.83 -16.09
C LEU B 348 -9.84 20.72 -15.06
N ARG B 349 -9.18 19.62 -15.46
CA ARG B 349 -8.76 18.57 -14.52
C ARG B 349 -7.40 18.82 -13.82
N ARG B 350 -6.81 20.00 -14.02
CA ARG B 350 -5.60 20.46 -13.30
C ARG B 350 -4.37 19.60 -13.58
N VAL B 351 -4.23 19.19 -14.84
CA VAL B 351 -3.04 18.49 -15.30
C VAL B 351 -1.93 19.55 -15.42
N PRO B 352 -0.87 19.45 -14.59
CA PRO B 352 0.18 20.46 -14.58
C PRO B 352 0.67 20.92 -15.95
N TYR B 353 1.05 19.96 -16.80
CA TYR B 353 1.66 20.25 -18.10
C TYR B 353 0.93 19.54 -19.24
N MET B 354 0.70 20.27 -20.33
CA MET B 354 0.06 19.72 -21.53
C MET B 354 0.94 19.99 -22.74
N LEU B 355 1.33 18.91 -23.42
CA LEU B 355 2.34 18.95 -24.47
C LEU B 355 1.71 18.78 -25.86
N VAL B 356 1.59 19.89 -26.57
CA VAL B 356 1.06 19.91 -27.93
C VAL B 356 2.18 19.62 -28.92
N CYS B 357 1.88 18.82 -29.95
CA CYS B 357 2.85 18.44 -30.98
C CYS B 357 2.37 18.84 -32.37
N GLY B 358 3.00 19.88 -32.93
CA GLY B 358 2.77 20.32 -34.32
C GLY B 358 3.91 19.93 -35.25
N ASP B 359 3.85 20.45 -36.47
CA ASP B 359 4.84 20.13 -37.51
C ASP B 359 6.21 20.79 -37.25
N LYS B 360 6.18 22.04 -36.80
CA LYS B 360 7.40 22.77 -36.42
C LYS B 360 8.11 22.14 -35.21
N GLU B 361 7.34 21.52 -34.32
CA GLU B 361 7.86 20.85 -33.13
C GLU B 361 8.50 19.48 -33.47
N VAL B 362 7.91 18.76 -34.42
CA VAL B 362 8.41 17.43 -34.84
C VAL B 362 9.75 17.54 -35.58
N GLU B 363 9.82 18.47 -36.53
CA GLU B 363 11.04 18.69 -37.33
C GLU B 363 12.21 19.24 -36.52
N ALA B 364 11.92 20.17 -35.61
CA ALA B 364 12.93 20.77 -34.73
C ALA B 364 13.36 19.88 -33.56
N GLY B 365 12.57 18.84 -33.26
CA GLY B 365 12.85 17.94 -32.14
C GLY B 365 12.51 18.60 -30.81
N LYS B 366 11.31 19.18 -30.75
CA LYS B 366 10.87 20.02 -29.63
C LYS B 366 9.40 19.72 -29.28
N VAL B 367 8.87 20.43 -28.29
CA VAL B 367 7.47 20.29 -27.87
C VAL B 367 6.89 21.60 -27.34
N ALA B 368 5.63 21.87 -27.70
CA ALA B 368 4.92 23.08 -27.24
C ALA B 368 4.22 22.80 -25.92
N VAL B 369 4.74 23.40 -24.85
CA VAL B 369 4.23 23.20 -23.49
C VAL B 369 3.34 24.36 -23.08
N ARG B 370 2.26 24.03 -22.38
CA ARG B 370 1.45 25.02 -21.66
C ARG B 370 0.98 24.45 -20.33
N THR B 371 0.68 25.34 -19.39
CA THR B 371 0.29 24.94 -18.04
C THR B 371 -1.23 24.91 -17.86
N ARG B 372 -1.64 24.30 -16.75
CA ARG B 372 -3.05 24.34 -16.29
C ARG B 372 -3.55 25.75 -15.94
N ARG B 373 -2.63 26.67 -15.62
CA ARG B 373 -2.97 28.08 -15.40
C ARG B 373 -3.36 28.83 -16.68
N GLY B 374 -2.96 28.30 -17.83
CA GLY B 374 -3.20 28.93 -19.14
C GLY B 374 -2.05 29.82 -19.58
N LYS B 375 -0.82 29.36 -19.29
CA LYS B 375 0.40 30.14 -19.47
C LYS B 375 1.31 29.47 -20.50
N ASP B 376 1.74 30.23 -21.50
CA ASP B 376 2.58 29.71 -22.58
C ASP B 376 4.05 29.67 -22.17
N LEU B 377 4.64 28.48 -22.21
CA LEU B 377 6.08 28.29 -22.00
C LEU B 377 6.87 28.19 -23.31
N GLY B 378 6.17 28.17 -24.44
CA GLY B 378 6.78 28.15 -25.77
C GLY B 378 7.24 26.78 -26.19
N SER B 379 7.89 26.73 -27.36
CA SER B 379 8.43 25.49 -27.91
C SER B 379 9.82 25.20 -27.31
N LEU B 380 9.93 24.07 -26.61
CA LEU B 380 11.17 23.69 -25.90
C LEU B 380 11.68 22.30 -26.29
N ASP B 381 12.96 22.06 -26.04
CA ASP B 381 13.61 20.78 -26.35
C ASP B 381 13.02 19.63 -25.53
N VAL B 382 12.92 18.45 -26.15
CA VAL B 382 12.29 17.28 -25.53
C VAL B 382 13.03 16.86 -24.26
N ASN B 383 14.30 16.51 -24.41
CA ASN B 383 15.12 16.00 -23.30
C ASN B 383 15.32 16.99 -22.14
N ASP B 384 15.28 18.28 -22.44
CA ASP B 384 15.38 19.34 -21.42
C ASP B 384 14.09 19.46 -20.58
N VAL B 385 12.95 19.18 -21.21
CA VAL B 385 11.65 19.16 -20.51
C VAL B 385 11.54 17.95 -19.56
N ILE B 386 12.01 16.78 -19.98
CA ILE B 386 12.00 15.59 -19.12
C ILE B 386 12.91 15.79 -17.90
N GLU B 387 14.07 16.40 -18.12
CA GLU B 387 15.00 16.72 -17.02
C GLU B 387 14.37 17.68 -16.00
N LYS B 388 13.74 18.74 -16.50
CA LYS B 388 13.08 19.75 -15.65
C LYS B 388 11.94 19.17 -14.81
N LEU B 389 11.11 18.34 -15.45
CA LEU B 389 9.99 17.66 -14.78
C LEU B 389 10.44 16.66 -13.72
N GLN B 390 11.49 15.89 -14.05
CA GLN B 390 12.09 14.95 -13.11
C GLN B 390 12.56 15.62 -11.83
N GLN B 391 13.23 16.78 -11.96
CA GLN B 391 13.71 17.52 -10.78
C GLN B 391 12.54 18.06 -9.96
N GLU B 392 11.55 18.65 -10.64
CA GLU B 392 10.34 19.14 -10.00
C GLU B 392 9.63 18.02 -9.22
N ILE B 393 9.47 16.85 -9.85
CA ILE B 393 8.79 15.70 -9.23
C ILE B 393 9.60 15.11 -8.08
N ARG B 394 10.86 14.76 -8.34
CA ARG B 394 11.69 14.05 -7.35
C ARG B 394 12.13 14.90 -6.15
N SER B 395 12.23 16.23 -6.33
CA SER B 395 12.48 17.16 -5.22
C SER B 395 11.21 17.57 -4.47
N ARG B 396 10.04 17.26 -5.05
CA ARG B 396 8.72 17.56 -4.48
C ARG B 396 8.53 19.08 -4.34
N SER B 397 8.73 19.77 -5.45
CA SER B 397 8.64 21.22 -5.53
C SER B 397 7.19 21.71 -5.47
N LEU B 398 6.93 22.73 -4.64
CA LEU B 398 5.64 23.41 -4.60
C LEU B 398 5.39 24.26 -5.85
N GLN B 399 6.47 24.71 -6.49
CA GLN B 399 6.39 25.58 -7.67
C GLN B 399 6.48 24.80 -8.98
N GLN B 400 5.80 25.31 -10.00
CA GLN B 400 5.90 24.80 -11.38
C GLN B 400 7.05 25.52 -12.12
N LEU B 401 7.27 25.16 -13.39
CA LEU B 401 8.29 25.83 -14.24
C LEU B 401 8.08 27.35 -14.34
ZN ZN C . -15.11 -10.16 -7.84
ZN ZN D . -0.60 4.94 19.40
#